data_9JV3
#
_entry.id   9JV3
#
_cell.length_a   92.024
_cell.length_b   97.584
_cell.length_c   138.967
_cell.angle_alpha   90.00
_cell.angle_beta   90.00
_cell.angle_gamma   90.00
#
_symmetry.space_group_name_H-M   'P 21 21 21'
#
loop_
_entity.id
_entity.type
_entity.pdbx_description
1 polymer 'Histone deacetylase 2'
2 non-polymer 'ZINC ION'
3 non-polymer 'CALCIUM ION'
4 non-polymer 1,2-ETHANEDIOL
5 non-polymer DI(HYDROXYETHYL)ETHER
6 non-polymer 'TRIETHYLENE GLYCOL'
7 non-polymer 'TETRAETHYLENE GLYCOL'
8 non-polymer 'PENTAETHYLENE GLYCOL'
9 water water
#
_entity_poly.entity_id   1
_entity_poly.type   'polypeptide(L)'
_entity_poly.pdbx_seq_one_letter_code
;MAYSQGGGKKKVCYYYDGDIGNYYYGQGHPMKPHRIRMTHNLLLNYGLYRKMEIYRPHKATAEEMTKYHSDEYIKFLRSI
RPDNMSEYSKQMQRFNVGEDCPVFDGLFEFCQLSTGGSVAGAVKLNRQQTDMAVNWAGGLHHAKKSEASGFCYVNDIVLA
ILELLKYHQRVLYIDIDIHHGDGVEEAFYTTDRVMTVSFHKYGEYFPGTGDLRDIGAGKGKYYAVNFPMRDGIDDESYGQ
IFKPIISKVMEMYQPSAVVLQCGADSLSGDRLGCFNLTVKGHAKCVEVVKTFNLPLLMLGGGGYTIRNVARCWTYETAVA
LDCEIPNELPYNDYFEYFGPDFKLHISPSNMTNQNTPEYMEKIKQRLFENLRMLPHAPGVQMQAIPEDAVHEDSGDEDGE
DPDK
;
_entity_poly.pdbx_strand_id   A,B,C
#
# COMPACT_ATOMS: atom_id res chain seq x y z
N GLY A 7 26.59 -23.17 -8.93
CA GLY A 7 27.53 -23.27 -7.78
C GLY A 7 27.80 -24.70 -7.39
N GLY A 8 27.15 -25.64 -8.07
CA GLY A 8 27.36 -27.07 -7.84
C GLY A 8 26.61 -27.59 -6.63
N LYS A 9 26.77 -28.89 -6.36
CA LYS A 9 26.25 -29.51 -5.16
C LYS A 9 27.13 -29.13 -3.99
N LYS A 10 26.54 -29.14 -2.80
CA LYS A 10 27.21 -28.59 -1.63
C LYS A 10 27.35 -29.64 -0.55
N LYS A 11 28.47 -29.59 0.16
CA LYS A 11 28.70 -30.48 1.28
C LYS A 11 27.83 -30.05 2.48
N VAL A 12 26.99 -30.95 2.95
CA VAL A 12 26.09 -30.66 4.07
C VAL A 12 26.53 -31.41 5.33
N CYS A 13 26.58 -30.68 6.44
CA CYS A 13 26.82 -31.24 7.76
C CYS A 13 25.63 -30.92 8.64
N TYR A 14 25.28 -31.88 9.48
CA TYR A 14 23.96 -31.96 10.06
C TYR A 14 24.13 -32.40 11.52
N TYR A 15 23.42 -31.72 12.42
CA TYR A 15 23.64 -31.85 13.86
C TYR A 15 22.38 -32.33 14.54
N TYR A 16 22.46 -33.47 15.23
CA TYR A 16 21.30 -34.03 15.88
C TYR A 16 21.69 -34.90 17.07
N ASP A 17 21.01 -34.69 18.20
CA ASP A 17 21.21 -35.54 19.38
C ASP A 17 19.99 -36.42 19.61
N GLY A 18 20.21 -37.73 19.61
CA GLY A 18 19.14 -38.71 19.80
C GLY A 18 18.30 -38.48 21.05
N ASP A 19 18.84 -37.77 22.03
CA ASP A 19 18.10 -37.47 23.25
C ASP A 19 17.07 -36.34 23.12
N ILE A 20 17.22 -35.49 22.12
CA ILE A 20 16.42 -34.25 22.02
C ILE A 20 14.87 -34.43 22.08
N GLY A 21 14.37 -35.54 21.56
CA GLY A 21 12.94 -35.81 21.57
C GLY A 21 12.38 -36.17 22.94
N ASN A 22 13.26 -36.51 23.88
CA ASN A 22 12.81 -36.91 25.20
C ASN A 22 12.47 -35.73 26.13
N TYR A 23 12.88 -34.52 25.78
CA TYR A 23 12.49 -33.33 26.57
C TYR A 23 11.03 -32.93 26.37
N TYR A 24 10.38 -32.61 27.48
CA TYR A 24 8.94 -32.45 27.50
C TYR A 24 8.59 -31.14 28.20
N TYR A 25 7.97 -30.22 27.48
CA TYR A 25 7.61 -28.91 28.01
C TYR A 25 6.47 -29.03 29.03
N GLY A 26 5.62 -30.04 28.88
CA GLY A 26 4.58 -30.32 29.85
C GLY A 26 3.23 -30.57 29.19
N GLN A 27 2.29 -31.06 29.99
CA GLN A 27 0.94 -31.37 29.52
C GLN A 27 0.31 -30.18 28.80
N GLY A 28 0.03 -30.36 27.52
CA GLY A 28 -0.70 -29.35 26.75
C GLY A 28 0.16 -28.32 26.04
N HIS A 29 1.46 -28.27 26.38
CA HIS A 29 2.32 -27.29 25.76
C HIS A 29 2.52 -27.62 24.30
N PRO A 30 2.39 -26.60 23.42
CA PRO A 30 2.49 -26.84 21.96
C PRO A 30 3.89 -27.14 21.44
N MET A 31 4.92 -26.70 22.17
CA MET A 31 6.29 -26.94 21.75
C MET A 31 6.72 -28.35 22.13
N LYS A 32 6.91 -29.20 21.11
CA LYS A 32 7.17 -30.61 21.29
C LYS A 32 8.50 -31.08 20.65
N PRO A 33 9.58 -31.13 21.46
CA PRO A 33 10.93 -31.42 20.94
C PRO A 33 11.02 -32.76 20.22
N HIS A 34 9.97 -33.56 20.37
CA HIS A 34 9.77 -34.83 19.66
C HIS A 34 9.75 -34.66 18.12
N ARG A 35 9.30 -33.50 17.64
CA ARG A 35 9.20 -33.23 16.19
C ARG A 35 10.52 -33.30 15.42
N ILE A 36 11.62 -33.09 16.15
CA ILE A 36 12.96 -33.11 15.59
C ILE A 36 13.42 -34.55 15.39
N ARG A 37 12.99 -35.43 16.29
CA ARG A 37 13.28 -36.85 16.17
C ARG A 37 12.47 -37.40 14.99
N MET A 38 11.20 -37.00 14.89
CA MET A 38 10.39 -37.40 13.73
C MET A 38 11.07 -36.95 12.45
N THR A 39 11.51 -35.69 12.44
CA THR A 39 12.23 -35.12 11.31
C THR A 39 13.41 -36.03 10.99
N HIS A 40 14.19 -36.31 12.03
CA HIS A 40 15.38 -37.11 11.88
C HIS A 40 15.07 -38.47 11.28
N ASN A 41 14.05 -39.09 11.82
CA ASN A 41 13.67 -40.41 11.37
C ASN A 41 13.17 -40.43 9.93
N LEU A 42 12.45 -39.37 9.56
CA LEU A 42 11.94 -39.26 8.21
C LEU A 42 13.09 -39.15 7.19
N LEU A 43 14.00 -38.22 7.39
CA LEU A 43 15.09 -38.09 6.44
C LEU A 43 16.00 -39.33 6.43
N LEU A 44 16.13 -40.01 7.56
CA LEU A 44 16.91 -41.27 7.62
C LEU A 44 16.30 -42.33 6.72
N ASN A 45 14.98 -42.40 6.72
CA ASN A 45 14.28 -43.46 6.00
C ASN A 45 14.15 -43.19 4.52
N TYR A 46 14.43 -41.95 4.12
CA TYR A 46 14.53 -41.53 2.72
C TYR A 46 15.93 -41.79 2.18
N GLY A 47 16.83 -42.17 3.10
CA GLY A 47 18.20 -42.49 2.77
C GLY A 47 19.08 -41.27 2.60
N LEU A 48 18.74 -40.21 3.31
CA LEU A 48 19.45 -38.94 3.18
C LEU A 48 20.76 -38.87 3.97
N TYR A 49 20.98 -39.84 4.86
CA TYR A 49 22.26 -39.96 5.57
C TYR A 49 23.40 -40.34 4.65
N ARG A 50 23.07 -40.92 3.51
CA ARG A 50 24.06 -41.34 2.51
C ARG A 50 24.80 -40.16 1.89
N LYS A 51 24.19 -38.97 1.95
CA LYS A 51 24.66 -37.80 1.19
C LYS A 51 25.21 -36.68 2.07
N MET A 52 25.19 -36.86 3.39
CA MET A 52 25.63 -35.80 4.29
C MET A 52 26.29 -36.35 5.54
N GLU A 53 27.07 -35.53 6.21
CA GLU A 53 27.75 -35.96 7.43
C GLU A 53 26.88 -35.65 8.63
N ILE A 54 26.75 -36.63 9.51
CA ILE A 54 25.90 -36.49 10.68
C ILE A 54 26.77 -36.42 11.94
N TYR A 55 26.50 -35.40 12.74
CA TYR A 55 27.26 -35.12 13.95
C TYR A 55 26.29 -35.02 15.10
N ARG A 56 26.74 -35.46 16.25
CA ARG A 56 26.00 -35.23 17.47
C ARG A 56 26.66 -34.06 18.16
N PRO A 57 25.93 -32.96 18.35
CA PRO A 57 26.50 -31.76 18.94
C PRO A 57 27.03 -32.04 20.34
N HIS A 58 28.06 -31.31 20.78
CA HIS A 58 28.47 -31.37 22.17
C HIS A 58 27.43 -30.56 22.94
N LYS A 59 27.50 -30.60 24.25
CA LYS A 59 26.69 -29.73 25.07
C LYS A 59 27.42 -28.40 25.25
N ALA A 60 26.89 -27.32 24.66
CA ALA A 60 27.48 -25.98 24.90
C ALA A 60 27.51 -25.68 26.40
N THR A 61 28.56 -24.98 26.86
CA THR A 61 28.73 -24.66 28.27
C THR A 61 28.24 -23.24 28.60
N ALA A 62 28.14 -22.95 29.89
CA ALA A 62 27.83 -21.61 30.39
C ALA A 62 28.82 -20.58 29.85
N GLU A 63 30.07 -20.98 29.73
CA GLU A 63 31.06 -20.11 29.19
C GLU A 63 30.60 -19.71 27.79
N GLU A 64 30.26 -20.70 26.96
CA GLU A 64 29.78 -20.46 25.59
C GLU A 64 28.52 -19.59 25.59
N MET A 65 27.55 -19.96 26.43
CA MET A 65 26.29 -19.26 26.52
C MET A 65 26.39 -17.77 26.92
N THR A 66 27.34 -17.47 27.82
CA THR A 66 27.53 -16.12 28.35
C THR A 66 28.30 -15.17 27.43
N LYS A 67 28.69 -15.66 26.26
CA LYS A 67 29.25 -14.79 25.24
C LYS A 67 28.16 -13.76 24.82
N TYR A 68 26.89 -14.12 25.03
CA TYR A 68 25.76 -13.21 24.85
C TYR A 68 24.98 -13.01 26.15
N HIS A 69 24.62 -14.12 26.79
CA HIS A 69 23.71 -14.05 27.95
C HIS A 69 24.42 -13.61 29.25
N SER A 70 23.65 -13.11 30.20
CA SER A 70 24.26 -12.61 31.42
C SER A 70 24.58 -13.78 32.34
N ASP A 71 25.65 -13.65 33.13
CA ASP A 71 26.03 -14.70 34.08
C ASP A 71 24.86 -15.12 34.95
N GLU A 72 24.02 -14.15 35.34
CA GLU A 72 22.94 -14.37 36.30
C GLU A 72 21.82 -15.21 35.72
N TYR A 73 21.47 -14.94 34.47
CA TYR A 73 20.39 -15.66 33.80
C TYR A 73 20.79 -17.12 33.47
N ILE A 74 22.00 -17.32 32.99
CA ILE A 74 22.49 -18.67 32.74
C ILE A 74 22.61 -19.42 34.06
N LYS A 75 23.20 -18.75 35.06
CA LYS A 75 23.36 -19.28 36.41
C LYS A 75 22.03 -19.82 36.90
N PHE A 76 20.98 -19.04 36.67
CA PHE A 76 19.61 -19.43 37.03
C PHE A 76 19.14 -20.66 36.27
N LEU A 77 19.29 -20.63 34.93
CA LEU A 77 18.89 -21.75 34.08
C LEU A 77 19.54 -23.07 34.53
N ARG A 78 20.80 -22.98 34.93
CA ARG A 78 21.58 -24.10 35.46
C ARG A 78 21.02 -24.68 36.76
N SER A 79 20.36 -23.85 37.55
CA SER A 79 19.90 -24.23 38.90
C SER A 79 18.45 -24.66 38.97
N ILE A 80 17.59 -24.04 38.15
CA ILE A 80 16.14 -24.19 38.31
C ILE A 80 15.68 -25.56 37.86
N ARG A 81 14.84 -26.17 38.69
CA ARG A 81 14.32 -27.54 38.52
C ARG A 81 12.86 -27.56 39.02
N PRO A 82 12.07 -28.56 38.61
CA PRO A 82 10.70 -28.62 39.17
C PRO A 82 10.67 -28.93 40.67
N ASP A 83 11.69 -29.63 41.17
CA ASP A 83 11.77 -29.95 42.60
C ASP A 83 12.04 -28.71 43.44
N ASN A 84 12.79 -27.74 42.89
CA ASN A 84 13.14 -26.49 43.62
C ASN A 84 12.45 -25.19 43.17
N MET A 85 11.34 -25.29 42.45
CA MET A 85 10.65 -24.10 41.91
C MET A 85 10.27 -23.05 42.94
N SER A 86 9.54 -23.49 43.98
CA SER A 86 8.96 -22.61 44.98
C SER A 86 10.02 -21.85 45.78
N GLU A 87 11.28 -22.13 45.50
CA GLU A 87 12.41 -21.45 46.13
C GLU A 87 12.98 -20.37 45.21
N TYR A 88 12.31 -20.15 44.08
CA TYR A 88 12.84 -19.33 42.98
C TYR A 88 11.79 -18.47 42.28
N SER A 89 10.57 -18.47 42.80
CA SER A 89 9.46 -17.67 42.27
C SER A 89 9.84 -16.26 41.79
N LYS A 90 10.56 -15.51 42.62
CA LYS A 90 11.02 -14.17 42.25
C LYS A 90 11.90 -14.22 41.01
N GLN A 91 12.97 -15.01 41.08
CA GLN A 91 13.96 -15.14 40.00
C GLN A 91 13.34 -15.68 38.69
N MET A 92 12.38 -16.60 38.84
CA MET A 92 11.56 -17.07 37.73
C MET A 92 10.89 -15.88 37.03
N GLN A 93 10.08 -15.13 37.79
CA GLN A 93 9.42 -13.91 37.30
C GLN A 93 10.39 -12.95 36.61
N ARG A 94 11.51 -12.67 37.28
CA ARG A 94 12.59 -11.87 36.70
C ARG A 94 12.95 -12.36 35.29
N PHE A 95 13.18 -13.66 35.16
CA PHE A 95 13.73 -14.28 33.96
C PHE A 95 12.65 -14.86 33.01
N ASN A 96 11.41 -14.42 33.20
CA ASN A 96 10.27 -14.94 32.45
C ASN A 96 10.24 -16.48 32.24
N VAL A 97 10.65 -17.22 33.26
CA VAL A 97 10.53 -18.66 33.27
C VAL A 97 9.37 -19.02 34.20
N GLY A 98 8.34 -19.65 33.67
CA GLY A 98 7.19 -20.06 34.48
C GLY A 98 6.00 -20.66 33.76
N GLU A 99 5.50 -19.98 32.74
CA GLU A 99 4.31 -20.42 31.99
C GLU A 99 4.68 -20.76 30.54
N ASP A 100 4.59 -19.78 29.64
CA ASP A 100 5.06 -19.92 28.24
C ASP A 100 6.35 -20.72 28.10
N CYS A 101 7.31 -20.40 28.97
CA CYS A 101 8.62 -21.04 28.96
C CYS A 101 8.77 -21.82 30.25
N PRO A 102 8.12 -22.99 30.35
CA PRO A 102 8.05 -23.75 31.60
C PRO A 102 9.41 -24.26 32.06
N VAL A 103 9.51 -24.53 33.36
CA VAL A 103 10.59 -25.34 33.89
C VAL A 103 10.21 -26.79 33.62
N PHE A 104 11.10 -27.54 32.99
CA PHE A 104 10.95 -28.98 32.88
C PHE A 104 12.26 -29.73 33.13
N ASP A 105 12.14 -31.03 33.40
CA ASP A 105 13.28 -31.91 33.56
C ASP A 105 14.24 -31.77 32.41
N GLY A 106 15.51 -31.47 32.70
CA GLY A 106 16.52 -31.43 31.66
C GLY A 106 16.61 -30.12 30.92
N LEU A 107 15.87 -29.11 31.39
CA LEU A 107 15.79 -27.81 30.73
C LEU A 107 17.12 -27.35 30.19
N PHE A 108 18.10 -27.26 31.09
CA PHE A 108 19.41 -26.75 30.73
C PHE A 108 20.09 -27.62 29.67
N GLU A 109 20.07 -28.94 29.86
CA GLU A 109 20.71 -29.84 28.89
C GLU A 109 20.09 -29.66 27.51
N PHE A 110 18.78 -29.43 27.49
CA PHE A 110 18.05 -29.18 26.25
C PHE A 110 18.59 -27.94 25.54
N CYS A 111 18.78 -26.86 26.30
CA CYS A 111 19.41 -25.65 25.80
C CYS A 111 20.83 -25.89 25.32
N GLN A 112 21.56 -26.73 26.05
CA GLN A 112 22.94 -27.12 25.72
C GLN A 112 23.06 -27.83 24.38
N LEU A 113 22.15 -28.76 24.11
CA LEU A 113 22.16 -29.54 22.90
C LEU A 113 21.64 -28.70 21.75
N SER A 114 20.60 -27.91 22.03
CA SER A 114 20.03 -26.98 21.05
C SER A 114 21.12 -26.01 20.59
N THR A 115 21.76 -25.38 21.57
CA THR A 115 22.84 -24.44 21.32
C THR A 115 24.09 -25.08 20.70
N GLY A 116 24.43 -26.28 21.13
CA GLY A 116 25.65 -26.95 20.69
C GLY A 116 25.70 -27.25 19.20
N GLY A 117 24.54 -27.49 18.61
CA GLY A 117 24.46 -27.70 17.16
C GLY A 117 24.67 -26.41 16.38
N SER A 118 24.04 -25.35 16.84
CA SER A 118 24.15 -24.08 16.16
C SER A 118 25.60 -23.66 16.10
N VAL A 119 26.27 -23.70 17.26
CA VAL A 119 27.66 -23.26 17.34
C VAL A 119 28.64 -24.21 16.62
N ALA A 120 28.43 -25.52 16.77
CA ALA A 120 29.27 -26.50 16.05
C ALA A 120 29.14 -26.31 14.56
N GLY A 121 27.92 -25.97 14.11
CA GLY A 121 27.68 -25.63 12.72
C GLY A 121 28.48 -24.41 12.29
N ALA A 122 28.42 -23.35 13.09
CA ALA A 122 29.19 -22.12 12.78
C ALA A 122 30.69 -22.40 12.70
N VAL A 123 31.20 -23.13 13.70
CA VAL A 123 32.63 -23.43 13.82
C VAL A 123 33.07 -24.24 12.60
N LYS A 124 32.25 -25.22 12.22
CA LYS A 124 32.46 -25.99 10.99
C LYS A 124 32.54 -25.08 9.75
N LEU A 125 31.59 -24.17 9.62
CA LEU A 125 31.60 -23.20 8.54
C LEU A 125 32.80 -22.27 8.59
N ASN A 126 33.15 -21.82 9.80
CA ASN A 126 34.34 -21.00 10.00
C ASN A 126 35.59 -21.69 9.45
N ARG A 127 35.70 -23.00 9.66
CA ARG A 127 36.91 -23.76 9.34
C ARG A 127 37.02 -24.05 7.86
N GLN A 128 35.99 -23.63 7.12
CA GLN A 128 35.78 -23.99 5.71
C GLN A 128 35.76 -25.51 5.45
N GLN A 129 35.01 -26.23 6.29
CA GLN A 129 34.93 -27.68 6.17
C GLN A 129 33.58 -28.18 5.65
N THR A 130 32.60 -27.29 5.61
CA THR A 130 31.29 -27.60 5.01
C THR A 130 30.82 -26.37 4.25
N ASP A 131 29.90 -26.54 3.29
CA ASP A 131 29.23 -25.39 2.66
C ASP A 131 27.95 -25.04 3.45
N MET A 132 27.30 -26.07 4.00
CA MET A 132 26.06 -25.88 4.72
C MET A 132 26.05 -26.64 6.04
N ALA A 133 25.50 -26.02 7.07
CA ALA A 133 25.31 -26.69 8.34
C ALA A 133 23.86 -26.63 8.73
N VAL A 134 23.36 -27.76 9.22
CA VAL A 134 21.95 -27.92 9.55
C VAL A 134 21.79 -28.31 11.01
N ASN A 135 21.07 -27.47 11.75
CA ASN A 135 20.70 -27.78 13.12
C ASN A 135 19.25 -27.43 13.38
N TRP A 136 18.38 -28.43 13.21
CA TRP A 136 16.94 -28.26 13.39
C TRP A 136 16.50 -28.02 14.84
N ALA A 137 17.31 -28.44 15.82
CA ALA A 137 17.01 -28.18 17.24
C ALA A 137 17.21 -26.73 17.65
N GLY A 138 17.93 -25.98 16.81
CA GLY A 138 18.19 -24.57 17.03
C GLY A 138 17.15 -23.69 16.35
N GLY A 139 17.44 -22.39 16.28
CA GLY A 139 16.52 -21.42 15.72
C GLY A 139 15.60 -20.84 16.78
N LEU A 140 16.12 -20.61 17.97
CA LEU A 140 15.27 -20.15 19.06
C LEU A 140 15.41 -18.65 19.22
N HIS A 141 14.81 -17.93 18.28
CA HIS A 141 15.07 -16.51 18.03
C HIS A 141 14.54 -15.55 19.08
N HIS A 142 13.65 -16.03 19.93
CA HIS A 142 12.99 -15.16 20.89
C HIS A 142 13.81 -14.86 22.16
N ALA A 143 14.74 -15.76 22.50
CA ALA A 143 15.48 -15.65 23.76
C ALA A 143 16.29 -14.35 23.82
N LYS A 144 16.24 -13.69 24.98
CA LYS A 144 16.87 -12.38 25.18
C LYS A 144 18.02 -12.51 26.14
N LYS A 145 18.87 -11.49 26.20
CA LYS A 145 20.09 -11.47 27.04
C LYS A 145 19.88 -11.96 28.48
N SER A 146 18.76 -11.61 29.10
CA SER A 146 18.54 -11.98 30.50
C SER A 146 17.13 -12.46 30.79
N GLU A 147 16.54 -13.13 29.80
CA GLU A 147 15.13 -13.40 29.84
C GLU A 147 14.82 -14.51 28.84
N ALA A 148 13.93 -15.42 29.21
CA ALA A 148 13.37 -16.36 28.25
C ALA A 148 12.12 -15.75 27.64
N SER A 149 11.74 -16.24 26.47
CA SER A 149 10.59 -15.74 25.75
C SER A 149 10.13 -16.72 24.67
N GLY A 150 8.80 -16.76 24.45
CA GLY A 150 8.21 -17.49 23.35
C GLY A 150 8.80 -18.86 23.13
N PHE A 151 8.88 -19.62 24.22
CA PHE A 151 9.31 -21.03 24.23
C PHE A 151 10.83 -21.23 24.12
N CYS A 152 11.58 -20.12 24.02
CA CYS A 152 13.05 -20.14 23.91
C CYS A 152 13.75 -19.64 25.17
N TYR A 153 14.86 -20.28 25.51
CA TYR A 153 15.59 -19.97 26.72
C TYR A 153 16.96 -19.37 26.38
N VAL A 154 17.70 -20.08 25.54
CA VAL A 154 19.05 -19.66 25.15
C VAL A 154 19.05 -19.38 23.65
N ASN A 155 19.61 -18.23 23.23
CA ASN A 155 19.50 -17.81 21.83
C ASN A 155 20.64 -18.34 20.98
N ASP A 156 20.48 -19.57 20.49
CA ASP A 156 21.56 -20.29 19.77
C ASP A 156 22.00 -19.55 18.52
N ILE A 157 21.04 -18.87 17.88
CA ILE A 157 21.32 -18.12 16.67
C ILE A 157 22.35 -17.04 16.96
N VAL A 158 22.05 -16.19 17.96
CA VAL A 158 22.95 -15.10 18.32
C VAL A 158 24.35 -15.64 18.57
N LEU A 159 24.46 -16.64 19.44
CA LEU A 159 25.75 -17.23 19.76
C LEU A 159 26.42 -17.77 18.50
N ALA A 160 25.63 -18.35 17.60
CA ALA A 160 26.18 -18.83 16.35
C ALA A 160 26.71 -17.66 15.53
N ILE A 161 26.01 -16.53 15.57
CA ILE A 161 26.44 -15.40 14.76
C ILE A 161 27.67 -14.77 15.40
N LEU A 162 27.70 -14.76 16.73
CA LEU A 162 28.88 -14.29 17.42
C LEU A 162 30.09 -15.13 17.00
N GLU A 163 29.88 -16.42 16.82
CA GLU A 163 30.94 -17.26 16.23
C GLU A 163 31.31 -16.95 14.78
N LEU A 164 30.34 -16.65 13.93
CA LEU A 164 30.66 -16.41 12.52
C LEU A 164 31.45 -15.10 12.35
N LEU A 165 31.10 -14.13 13.20
CA LEU A 165 31.74 -12.80 13.22
C LEU A 165 33.23 -12.86 13.54
N LYS A 166 33.69 -13.98 14.09
CA LYS A 166 35.13 -14.25 14.23
C LYS A 166 35.89 -14.24 12.90
N TYR A 167 35.30 -14.78 11.84
CA TYR A 167 35.97 -14.88 10.53
C TYR A 167 35.24 -14.16 9.39
N HIS A 168 34.09 -13.55 9.69
CA HIS A 168 33.31 -12.83 8.66
C HIS A 168 32.94 -11.42 9.09
N GLN A 169 33.29 -10.43 8.25
CA GLN A 169 32.95 -9.04 8.55
C GLN A 169 31.44 -8.80 8.60
N ARG A 170 30.73 -9.43 7.66
CA ARG A 170 29.28 -9.29 7.53
C ARG A 170 28.53 -10.62 7.46
N VAL A 171 27.54 -10.77 8.35
CA VAL A 171 26.68 -11.95 8.42
C VAL A 171 25.22 -11.55 8.20
N LEU A 172 24.54 -12.32 7.35
CA LEU A 172 23.13 -12.07 7.04
C LEU A 172 22.24 -13.07 7.77
N TYR A 173 21.34 -12.55 8.59
CA TYR A 173 20.35 -13.37 9.25
C TYR A 173 18.96 -13.19 8.61
N ILE A 174 18.38 -14.30 8.17
CA ILE A 174 17.04 -14.28 7.59
C ILE A 174 16.15 -15.24 8.40
N ASP A 175 14.91 -14.84 8.61
CA ASP A 175 14.02 -15.47 9.59
C ASP A 175 12.61 -15.64 8.99
N ILE A 176 12.31 -16.83 8.51
CA ILE A 176 11.04 -17.05 7.80
C ILE A 176 9.98 -17.71 8.68
N ASP A 177 10.32 -17.88 9.95
CA ASP A 177 9.36 -18.22 10.99
C ASP A 177 8.21 -17.23 10.91
N ILE A 178 7.01 -17.65 11.29
CA ILE A 178 5.88 -16.74 11.23
C ILE A 178 6.03 -15.62 12.25
N HIS A 179 6.79 -15.89 13.31
CA HIS A 179 6.99 -14.92 14.37
C HIS A 179 8.24 -14.12 14.04
N HIS A 180 8.30 -12.91 14.58
CA HIS A 180 9.38 -11.96 14.36
C HIS A 180 10.60 -12.37 15.20
N GLY A 181 11.78 -12.27 14.60
CA GLY A 181 13.01 -12.60 15.29
C GLY A 181 13.49 -11.43 16.12
N ASP A 182 12.80 -11.20 17.23
CA ASP A 182 13.09 -10.07 18.05
C ASP A 182 14.42 -10.28 18.76
N GLY A 183 14.62 -11.46 19.35
CA GLY A 183 15.85 -11.76 20.07
C GLY A 183 17.11 -11.47 19.23
N VAL A 184 17.12 -11.97 18.00
CA VAL A 184 18.25 -11.76 17.12
C VAL A 184 18.37 -10.30 16.72
N GLU A 185 17.30 -9.74 16.21
CA GLU A 185 17.22 -8.32 15.94
C GLU A 185 17.73 -7.46 17.09
N GLU A 186 17.25 -7.76 18.30
CA GLU A 186 17.61 -6.98 19.49
C GLU A 186 19.11 -7.06 19.73
N ALA A 187 19.63 -8.28 19.75
CA ALA A 187 21.05 -8.49 20.00
C ALA A 187 21.97 -7.64 19.10
N PHE A 188 21.56 -7.45 17.83
CA PHE A 188 22.40 -6.83 16.79
C PHE A 188 21.86 -5.49 16.27
N TYR A 189 20.97 -4.91 17.08
CA TYR A 189 20.19 -3.75 16.68
C TYR A 189 21.04 -2.53 16.33
N THR A 190 22.21 -2.42 16.97
CA THR A 190 23.09 -1.26 16.83
C THR A 190 24.41 -1.52 16.05
N THR A 191 24.45 -2.62 15.30
CA THR A 191 25.59 -2.90 14.41
C THR A 191 25.21 -3.24 12.95
N ASP A 192 26.17 -2.89 12.08
CA ASP A 192 26.13 -3.15 10.65
C ASP A 192 26.83 -4.45 10.28
N ARG A 193 27.48 -5.07 11.26
CA ARG A 193 28.17 -6.35 11.05
C ARG A 193 27.17 -7.48 10.91
N VAL A 194 25.95 -7.26 11.41
CA VAL A 194 24.83 -8.18 11.18
C VAL A 194 23.58 -7.49 10.65
N MET A 195 23.18 -7.90 9.45
CA MET A 195 21.88 -7.53 8.89
C MET A 195 20.83 -8.62 9.21
N THR A 196 19.71 -8.20 9.80
CA THR A 196 18.67 -9.15 10.16
C THR A 196 17.44 -8.90 9.31
N VAL A 197 16.91 -9.96 8.72
CA VAL A 197 15.74 -9.84 7.86
C VAL A 197 14.67 -10.81 8.33
N SER A 198 13.58 -10.25 8.84
CA SER A 198 12.49 -11.06 9.29
C SER A 198 11.21 -10.79 8.51
N PHE A 199 10.61 -11.88 8.02
CA PHE A 199 9.30 -11.88 7.40
C PHE A 199 8.38 -12.50 8.42
N HIS A 200 7.23 -11.88 8.71
CA HIS A 200 6.42 -12.35 9.83
C HIS A 200 5.01 -11.76 9.86
N LYS A 201 4.12 -12.45 10.56
CA LYS A 201 2.78 -11.96 10.85
C LYS A 201 2.94 -10.78 11.77
N TYR A 202 2.24 -9.67 11.49
CA TYR A 202 2.28 -8.51 12.35
C TYR A 202 0.89 -7.90 12.52
N GLY A 203 0.57 -7.57 13.77
CA GLY A 203 -0.76 -7.11 14.16
C GLY A 203 -1.36 -8.04 15.20
N GLU A 204 -1.40 -7.56 16.45
CA GLU A 204 -1.98 -8.32 17.58
C GLU A 204 -1.52 -9.77 17.57
N TYR A 205 -0.21 -9.97 17.68
CA TYR A 205 0.41 -11.28 17.49
C TYR A 205 1.82 -11.25 18.09
N PHE A 206 2.14 -12.26 18.90
CA PHE A 206 3.47 -12.44 19.50
C PHE A 206 4.57 -12.31 18.45
N PRO A 207 5.65 -11.58 18.73
CA PRO A 207 5.92 -10.95 20.02
C PRO A 207 5.54 -9.49 20.10
N GLY A 208 4.86 -8.96 19.08
CA GLY A 208 4.41 -7.57 19.11
C GLY A 208 5.34 -6.59 18.42
N THR A 209 6.60 -6.95 18.30
CA THR A 209 7.56 -6.12 17.57
C THR A 209 7.61 -6.50 16.09
N GLY A 210 8.51 -5.86 15.35
CA GLY A 210 8.72 -6.15 13.94
C GLY A 210 7.96 -5.31 12.92
N ASP A 211 7.60 -4.09 13.30
CA ASP A 211 7.02 -3.09 12.39
C ASP A 211 7.99 -2.81 11.24
N LEU A 212 7.42 -2.42 10.11
CA LEU A 212 8.15 -1.93 8.95
C LEU A 212 9.15 -0.85 9.34
N ARG A 213 8.74 0.00 10.29
CA ARG A 213 9.52 1.15 10.68
C ARG A 213 10.65 0.80 11.64
N ASP A 214 10.67 -0.43 12.14
CA ASP A 214 11.80 -0.89 12.93
C ASP A 214 12.98 -1.22 11.98
N ILE A 215 14.01 -0.38 12.02
CA ILE A 215 15.08 -0.43 11.01
C ILE A 215 16.49 -0.39 11.59
N GLY A 216 16.63 -0.65 12.89
CA GLY A 216 17.92 -0.54 13.54
C GLY A 216 18.13 0.83 14.14
N ALA A 217 19.27 1.02 14.79
CA ALA A 217 19.62 2.27 15.43
C ALA A 217 21.13 2.43 15.44
N GLY A 218 21.59 3.68 15.53
CA GLY A 218 23.01 4.00 15.65
C GLY A 218 23.79 3.54 14.44
N LYS A 219 24.92 2.89 14.67
CA LYS A 219 25.72 2.35 13.56
C LYS A 219 24.93 1.33 12.73
N GLY A 220 23.84 0.82 13.30
CA GLY A 220 23.05 -0.23 12.68
C GLY A 220 21.73 0.20 12.02
N LYS A 221 21.48 1.50 11.98
CA LYS A 221 20.35 2.06 11.20
C LYS A 221 20.40 1.49 9.78
N TYR A 222 19.26 0.97 9.32
CA TYR A 222 19.12 0.23 8.05
C TYR A 222 19.78 -1.16 8.01
N TYR A 223 20.20 -1.67 9.16
CA TYR A 223 20.81 -3.01 9.20
C TYR A 223 19.98 -3.95 10.04
N ALA A 224 18.67 -3.69 9.94
CA ALA A 224 17.55 -4.48 10.43
C ALA A 224 16.38 -4.20 9.46
N VAL A 225 15.68 -5.24 9.04
CA VAL A 225 14.70 -5.17 7.96
C VAL A 225 13.51 -6.06 8.31
N ASN A 226 12.31 -5.51 8.22
CA ASN A 226 11.12 -6.21 8.70
C ASN A 226 10.02 -6.17 7.66
N PHE A 227 9.39 -7.31 7.42
CA PHE A 227 8.36 -7.39 6.41
C PHE A 227 7.08 -7.89 7.05
N PRO A 228 6.27 -6.98 7.64
CA PRO A 228 5.06 -7.38 8.35
C PRO A 228 3.96 -7.84 7.38
N MET A 229 3.31 -8.94 7.73
CA MET A 229 2.37 -9.60 6.86
C MET A 229 1.08 -9.82 7.64
N ARG A 230 0.02 -10.22 6.93
CA ARG A 230 -1.30 -10.46 7.51
C ARG A 230 -1.63 -11.96 7.51
N ASP A 231 -2.86 -12.32 7.91
CA ASP A 231 -3.32 -13.70 7.87
C ASP A 231 -3.37 -14.27 6.46
N GLY A 232 -2.96 -15.54 6.32
CA GLY A 232 -3.29 -16.31 5.13
C GLY A 232 -2.39 -16.17 3.94
N ILE A 233 -1.18 -15.66 4.16
CA ILE A 233 -0.24 -15.51 3.05
C ILE A 233 0.03 -16.86 2.38
N ASP A 234 0.21 -16.85 1.06
CA ASP A 234 0.37 -18.10 0.32
C ASP A 234 1.68 -18.16 -0.48
N ASP A 235 1.90 -19.29 -1.14
CA ASP A 235 3.10 -19.49 -1.96
C ASP A 235 3.39 -18.38 -3.00
N GLU A 236 2.40 -17.95 -3.78
CA GLU A 236 2.65 -16.96 -4.84
C GLU A 236 2.98 -15.61 -4.24
N SER A 237 2.19 -15.17 -3.25
CA SER A 237 2.49 -13.95 -2.49
C SER A 237 3.88 -13.96 -1.86
N TYR A 238 4.24 -15.04 -1.17
CA TYR A 238 5.55 -15.12 -0.53
C TYR A 238 6.68 -15.08 -1.54
N GLY A 239 6.52 -15.83 -2.63
CA GLY A 239 7.55 -15.90 -3.69
C GLY A 239 7.60 -14.64 -4.53
N GLN A 240 6.51 -13.87 -4.50
CA GLN A 240 6.41 -12.58 -5.17
C GLN A 240 7.48 -11.62 -4.61
N ILE A 241 7.77 -11.76 -3.33
CA ILE A 241 8.64 -10.78 -2.67
C ILE A 241 9.91 -11.32 -2.01
N PHE A 242 9.97 -12.62 -1.72
CA PHE A 242 11.14 -13.15 -1.01
C PHE A 242 12.42 -12.99 -1.82
N LYS A 243 12.44 -13.56 -3.03
CA LYS A 243 13.61 -13.48 -3.91
C LYS A 243 14.02 -12.04 -4.28
N PRO A 244 13.04 -11.18 -4.68
CA PRO A 244 13.46 -9.82 -4.96
C PRO A 244 14.13 -9.16 -3.75
N ILE A 245 13.56 -9.36 -2.57
CA ILE A 245 14.12 -8.75 -1.36
C ILE A 245 15.47 -9.35 -0.94
N ILE A 246 15.54 -10.68 -0.89
CA ILE A 246 16.80 -11.33 -0.63
C ILE A 246 17.84 -10.95 -1.67
N SER A 247 17.48 -10.91 -2.95
CA SER A 247 18.42 -10.39 -3.96
C SER A 247 18.97 -8.98 -3.62
N LYS A 248 18.09 -8.02 -3.35
CA LYS A 248 18.56 -6.65 -3.14
C LYS A 248 19.50 -6.60 -1.97
N VAL A 249 19.19 -7.41 -0.96
CA VAL A 249 19.93 -7.45 0.29
C VAL A 249 21.35 -7.99 0.04
N MET A 250 21.44 -9.11 -0.69
CA MET A 250 22.72 -9.65 -1.15
C MET A 250 23.55 -8.64 -1.95
N GLU A 251 22.90 -7.92 -2.86
CA GLU A 251 23.55 -6.91 -3.69
C GLU A 251 24.14 -5.77 -2.85
N MET A 252 23.34 -5.25 -1.91
CA MET A 252 23.73 -4.08 -1.13
C MET A 252 24.61 -4.43 0.05
N TYR A 253 24.23 -5.48 0.78
CA TYR A 253 24.90 -5.77 2.05
C TYR A 253 26.17 -6.62 1.89
N GLN A 254 26.18 -7.50 0.88
CA GLN A 254 27.34 -8.34 0.60
C GLN A 254 27.89 -9.09 1.83
N PRO A 255 27.09 -9.98 2.43
CA PRO A 255 27.62 -10.74 3.56
C PRO A 255 28.55 -11.86 3.05
N SER A 256 29.36 -12.43 3.94
CA SER A 256 30.09 -13.65 3.56
C SER A 256 29.57 -14.91 4.30
N ALA A 257 28.54 -14.74 5.15
CA ALA A 257 27.92 -15.91 5.78
C ALA A 257 26.47 -15.63 6.03
N VAL A 258 25.64 -16.65 5.83
CA VAL A 258 24.20 -16.52 6.05
C VAL A 258 23.73 -17.49 7.12
N VAL A 259 22.81 -17.01 7.96
CA VAL A 259 22.07 -17.84 8.90
C VAL A 259 20.60 -17.75 8.52
N LEU A 260 19.97 -18.91 8.37
CA LEU A 260 18.62 -18.99 7.89
C LEU A 260 17.79 -19.81 8.87
N GLN A 261 16.96 -19.09 9.63
CA GLN A 261 16.00 -19.69 10.51
C GLN A 261 14.76 -20.15 9.67
N CYS A 262 14.49 -21.45 9.67
CA CYS A 262 13.40 -21.99 8.87
C CYS A 262 12.26 -22.48 9.74
N GLY A 263 11.86 -21.63 10.69
CA GLY A 263 10.67 -21.87 11.53
C GLY A 263 9.48 -22.29 10.69
N ALA A 264 8.95 -23.47 11.00
CA ALA A 264 7.90 -24.11 10.20
C ALA A 264 6.47 -23.73 10.59
N ASP A 265 6.33 -22.91 11.61
CA ASP A 265 5.01 -22.45 12.01
C ASP A 265 4.41 -21.50 10.95
N SER A 266 5.18 -21.18 9.92
CA SER A 266 4.64 -20.41 8.79
C SER A 266 3.90 -21.27 7.76
N LEU A 267 3.78 -22.57 8.03
CA LEU A 267 3.07 -23.48 7.13
C LEU A 267 1.59 -23.42 7.35
N SER A 268 0.86 -23.77 6.29
CA SER A 268 -0.58 -23.96 6.31
C SER A 268 -0.92 -25.02 7.32
N GLY A 269 -1.89 -24.73 8.18
CA GLY A 269 -2.38 -25.71 9.15
C GLY A 269 -1.63 -25.71 10.47
N ASP A 270 -0.68 -24.80 10.65
CA ASP A 270 0.01 -24.75 11.93
C ASP A 270 -0.98 -24.45 13.05
N ARG A 271 -0.75 -25.05 14.22
CA ARG A 271 -1.64 -24.94 15.37
C ARG A 271 -1.68 -23.52 15.95
N LEU A 272 -0.56 -22.82 15.80
CA LEU A 272 -0.43 -21.47 16.32
C LEU A 272 -0.32 -20.48 15.17
N GLY A 273 0.19 -20.93 14.03
CA GLY A 273 0.34 -20.08 12.84
C GLY A 273 -0.96 -19.72 12.16
N CYS A 274 -0.90 -18.69 11.31
N CYS A 274 -0.91 -18.71 11.28
CA CYS A 274 -2.03 -18.19 10.54
CA CYS A 274 -2.09 -18.26 10.52
C CYS A 274 -1.56 -17.82 9.14
C CYS A 274 -1.79 -18.19 9.03
N PHE A 275 -0.57 -18.56 8.64
CA PHE A 275 -0.12 -18.42 7.25
C PHE A 275 -0.65 -19.60 6.46
N ASN A 276 -0.47 -19.57 5.14
CA ASN A 276 -1.00 -20.62 4.30
C ASN A 276 0.02 -21.13 3.27
N LEU A 277 1.29 -21.22 3.67
CA LEU A 277 2.34 -21.78 2.79
C LEU A 277 2.34 -23.29 2.77
N THR A 278 2.87 -23.86 1.70
CA THR A 278 3.14 -25.29 1.64
C THR A 278 4.62 -25.54 1.97
N VAL A 279 4.98 -26.82 2.13
CA VAL A 279 6.38 -27.20 2.30
C VAL A 279 7.20 -26.69 1.10
N LYS A 280 6.64 -26.77 -0.11
CA LYS A 280 7.34 -26.34 -1.33
C LYS A 280 7.54 -24.85 -1.34
N GLY A 281 6.51 -24.12 -0.94
CA GLY A 281 6.56 -22.68 -0.90
C GLY A 281 7.57 -22.26 0.14
N HIS A 282 7.55 -22.99 1.26
CA HIS A 282 8.42 -22.71 2.39
C HIS A 282 9.84 -22.96 1.91
N ALA A 283 10.11 -24.17 1.41
CA ALA A 283 11.42 -24.58 0.89
C ALA A 283 11.97 -23.72 -0.25
N LYS A 284 11.10 -22.96 -0.91
CA LYS A 284 11.56 -22.13 -2.01
C LYS A 284 12.53 -21.09 -1.47
N CYS A 285 12.33 -20.69 -0.21
CA CYS A 285 13.18 -19.73 0.47
C CYS A 285 14.60 -20.26 0.67
N VAL A 286 14.70 -21.55 0.95
CA VAL A 286 15.97 -22.20 1.15
C VAL A 286 16.67 -22.29 -0.20
N GLU A 287 15.89 -22.62 -1.24
CA GLU A 287 16.39 -22.68 -2.62
C GLU A 287 16.98 -21.34 -3.04
N VAL A 288 16.28 -20.25 -2.73
CA VAL A 288 16.71 -18.92 -3.13
C VAL A 288 18.02 -18.54 -2.43
N VAL A 289 18.09 -18.73 -1.12
CA VAL A 289 19.29 -18.41 -0.36
C VAL A 289 20.45 -19.30 -0.77
N LYS A 290 20.16 -20.55 -1.08
CA LYS A 290 21.14 -21.50 -1.61
C LYS A 290 21.89 -21.00 -2.84
N THR A 291 21.16 -20.41 -3.78
CA THR A 291 21.75 -20.05 -5.07
C THR A 291 22.91 -19.05 -4.96
N PHE A 292 22.93 -18.28 -3.88
CA PHE A 292 23.99 -17.32 -3.62
C PHE A 292 25.38 -17.91 -3.31
N ASN A 293 25.45 -19.20 -3.02
CA ASN A 293 26.71 -19.91 -2.71
C ASN A 293 27.55 -19.26 -1.60
N LEU A 294 26.93 -18.96 -0.47
CA LEU A 294 27.70 -18.52 0.69
C LEU A 294 27.61 -19.54 1.80
N PRO A 295 28.62 -19.56 2.68
CA PRO A 295 28.51 -20.39 3.90
C PRO A 295 27.16 -20.15 4.50
N LEU A 296 26.39 -21.22 4.62
CA LEU A 296 25.00 -21.15 5.02
C LEU A 296 24.74 -22.08 6.20
N LEU A 297 24.32 -21.46 7.32
CA LEU A 297 23.83 -22.18 8.48
C LEU A 297 22.29 -22.17 8.50
N MET A 298 21.70 -23.36 8.49
CA MET A 298 20.25 -23.49 8.56
C MET A 298 19.79 -24.03 9.93
N LEU A 299 18.83 -23.34 10.54
CA LEU A 299 18.27 -23.75 11.84
C LEU A 299 16.75 -23.93 11.77
N GLY A 300 16.20 -24.49 12.84
CA GLY A 300 14.76 -24.66 13.00
C GLY A 300 14.11 -23.45 13.65
N GLY A 301 13.20 -23.71 14.61
CA GLY A 301 12.39 -22.65 15.22
C GLY A 301 10.97 -23.11 15.56
N GLY A 302 9.99 -22.24 15.34
CA GLY A 302 8.58 -22.59 15.53
C GLY A 302 8.10 -23.78 14.70
N GLY A 303 6.86 -24.17 14.94
CA GLY A 303 6.27 -25.32 14.26
C GLY A 303 5.53 -26.19 15.26
N TYR A 304 4.21 -26.34 15.05
CA TYR A 304 3.34 -26.93 16.08
C TYR A 304 2.31 -27.92 15.55
N THR A 305 2.23 -28.06 14.23
CA THR A 305 1.58 -29.24 13.62
C THR A 305 2.66 -30.21 13.15
N ILE A 306 3.07 -31.10 14.07
CA ILE A 306 4.40 -31.75 14.03
C ILE A 306 4.67 -32.67 12.84
N ARG A 307 3.61 -33.29 12.31
CA ARG A 307 3.70 -33.98 11.03
C ARG A 307 4.23 -33.01 9.97
N ASN A 308 3.76 -31.76 10.01
CA ASN A 308 4.06 -30.80 8.95
C ASN A 308 5.46 -30.25 9.10
N VAL A 309 5.84 -30.04 10.36
CA VAL A 309 7.22 -29.77 10.69
C VAL A 309 8.19 -30.85 10.19
N ALA A 310 7.88 -32.13 10.45
CA ALA A 310 8.73 -33.24 9.98
C ALA A 310 8.93 -33.18 8.47
N ARG A 311 7.82 -33.07 7.73
CA ARG A 311 7.83 -32.95 6.27
C ARG A 311 8.63 -31.76 5.81
N CYS A 312 8.48 -30.64 6.52
CA CYS A 312 9.08 -29.39 6.09
C CYS A 312 10.61 -29.48 6.13
N TRP A 313 11.12 -29.90 7.27
CA TRP A 313 12.56 -29.97 7.44
C TRP A 313 13.21 -31.17 6.74
N THR A 314 12.51 -32.28 6.64
CA THR A 314 12.95 -33.37 5.77
C THR A 314 13.16 -32.85 4.34
N TYR A 315 12.10 -32.27 3.78
CA TYR A 315 12.20 -31.72 2.44
C TYR A 315 13.33 -30.71 2.29
N GLU A 316 13.44 -29.80 3.26
CA GLU A 316 14.46 -28.75 3.19
C GLU A 316 15.88 -29.25 3.37
N THR A 317 16.05 -30.38 4.05
CA THR A 317 17.35 -31.03 4.11
C THR A 317 17.66 -31.62 2.73
N ALA A 318 16.64 -32.17 2.09
CA ALA A 318 16.80 -32.75 0.77
C ALA A 318 17.16 -31.66 -0.26
N VAL A 319 16.57 -30.48 -0.08
CA VAL A 319 16.89 -29.31 -0.90
C VAL A 319 18.34 -28.88 -0.69
N ALA A 320 18.79 -28.81 0.57
CA ALA A 320 20.20 -28.58 0.86
C ALA A 320 21.07 -29.52 0.02
N LEU A 321 20.60 -30.76 -0.14
CA LEU A 321 21.36 -31.79 -0.85
C LEU A 321 21.15 -31.82 -2.35
N ASP A 322 20.16 -31.08 -2.85
CA ASP A 322 19.77 -31.14 -4.26
C ASP A 322 19.53 -32.58 -4.57
N CYS A 323 18.73 -33.21 -3.72
CA CYS A 323 18.44 -34.61 -3.88
C CYS A 323 16.94 -34.77 -3.92
N GLU A 324 16.43 -35.13 -5.09
CA GLU A 324 15.00 -35.34 -5.28
C GLU A 324 14.54 -36.50 -4.43
N ILE A 325 13.39 -36.32 -3.77
CA ILE A 325 12.81 -37.43 -3.02
C ILE A 325 11.35 -37.57 -3.42
N PRO A 326 10.86 -38.82 -3.51
CA PRO A 326 9.46 -39.04 -3.88
C PRO A 326 8.48 -38.47 -2.86
N ASN A 327 7.28 -38.15 -3.34
CA ASN A 327 6.21 -37.63 -2.51
C ASN A 327 5.66 -38.71 -1.58
N GLU A 328 5.75 -39.96 -2.04
CA GLU A 328 5.39 -41.15 -1.24
C GLU A 328 6.34 -41.29 -0.05
N LEU A 329 5.84 -40.98 1.15
CA LEU A 329 6.63 -41.12 2.38
C LEU A 329 7.15 -42.55 2.56
N PRO A 330 8.45 -42.70 2.86
CA PRO A 330 8.93 -44.04 3.18
C PRO A 330 8.33 -44.49 4.51
N TYR A 331 8.39 -45.79 4.79
CA TYR A 331 7.94 -46.27 6.07
C TYR A 331 8.91 -45.73 7.10
N ASN A 332 8.38 -45.30 8.24
CA ASN A 332 9.20 -44.76 9.34
C ASN A 332 8.55 -44.98 10.69
N ASP A 333 9.31 -44.74 11.76
CA ASP A 333 8.83 -44.99 13.13
C ASP A 333 7.60 -44.18 13.53
N TYR A 334 7.24 -43.17 12.74
CA TYR A 334 6.09 -42.33 13.05
C TYR A 334 5.12 -42.26 11.88
N PHE A 335 5.10 -43.34 11.08
CA PHE A 335 4.32 -43.37 9.85
C PHE A 335 2.87 -42.90 10.05
N GLU A 336 2.25 -43.28 11.18
CA GLU A 336 0.83 -42.99 11.45
C GLU A 336 0.52 -41.51 11.70
N TYR A 337 1.53 -40.73 12.06
CA TYR A 337 1.37 -39.28 12.27
C TYR A 337 1.09 -38.57 10.97
N PHE A 338 1.33 -39.25 9.85
CA PHE A 338 1.29 -38.62 8.52
C PHE A 338 0.07 -39.00 7.71
N GLY A 339 -0.91 -39.61 8.36
CA GLY A 339 -2.17 -39.93 7.69
C GLY A 339 -3.02 -38.68 7.55
N PRO A 340 -4.06 -38.74 6.73
CA PRO A 340 -4.55 -39.97 6.08
C PRO A 340 -3.96 -40.23 4.70
N ASP A 341 -3.00 -39.41 4.30
CA ASP A 341 -2.46 -39.41 2.93
C ASP A 341 -1.07 -40.07 2.82
N PHE A 342 -0.26 -39.94 3.87
CA PHE A 342 1.11 -40.46 3.88
C PHE A 342 1.94 -39.91 2.73
N LYS A 343 1.70 -38.64 2.40
CA LYS A 343 2.51 -37.94 1.40
C LYS A 343 3.44 -36.95 2.08
N LEU A 344 4.50 -36.59 1.35
CA LEU A 344 5.46 -35.60 1.81
C LEU A 344 4.89 -34.18 1.75
N HIS A 345 4.18 -33.86 0.68
CA HIS A 345 3.77 -32.49 0.45
C HIS A 345 2.37 -32.20 0.91
N ILE A 346 2.14 -30.94 1.30
CA ILE A 346 0.84 -30.53 1.81
C ILE A 346 0.06 -29.64 0.85
N SER A 347 -1.24 -29.56 1.09
CA SER A 347 -2.13 -28.70 0.34
C SER A 347 -2.44 -27.44 1.16
N PRO A 348 -2.55 -26.27 0.50
CA PRO A 348 -2.96 -25.08 1.22
C PRO A 348 -4.39 -25.26 1.66
N SER A 349 -4.79 -24.57 2.73
CA SER A 349 -6.18 -24.53 3.13
C SER A 349 -6.91 -23.51 2.27
N ASN A 350 -8.20 -23.33 2.51
CA ASN A 350 -9.00 -22.40 1.72
C ASN A 350 -9.17 -21.04 2.40
N MET A 351 -8.32 -20.75 3.39
CA MET A 351 -8.38 -19.48 4.10
C MET A 351 -8.13 -18.30 3.16
N THR A 352 -8.76 -17.16 3.47
CA THR A 352 -8.52 -15.94 2.73
C THR A 352 -7.11 -15.43 3.00
N ASN A 353 -6.41 -15.07 1.93
CA ASN A 353 -5.16 -14.32 2.00
C ASN A 353 -5.44 -12.82 2.21
N GLN A 354 -5.21 -12.31 3.42
CA GLN A 354 -5.45 -10.90 3.72
C GLN A 354 -4.37 -10.00 3.10
N ASN A 355 -3.31 -10.61 2.58
CA ASN A 355 -2.22 -9.88 1.98
C ASN A 355 -2.48 -9.70 0.50
N THR A 356 -3.09 -8.57 0.14
CA THR A 356 -3.31 -8.22 -1.26
C THR A 356 -1.99 -8.17 -2.03
N PRO A 357 -2.04 -8.50 -3.32
CA PRO A 357 -0.84 -8.30 -4.17
C PRO A 357 -0.30 -6.87 -4.04
N GLU A 358 -1.21 -5.89 -3.95
CA GLU A 358 -0.79 -4.50 -3.80
C GLU A 358 -0.03 -4.23 -2.50
N TYR A 359 -0.50 -4.81 -1.40
CA TYR A 359 0.16 -4.65 -0.10
C TYR A 359 1.58 -5.16 -0.19
N MET A 360 1.72 -6.41 -0.63
CA MET A 360 3.03 -7.03 -0.86
C MET A 360 3.98 -6.17 -1.69
N GLU A 361 3.48 -5.56 -2.76
CA GLU A 361 4.34 -4.70 -3.61
C GLU A 361 4.70 -3.42 -2.90
N LYS A 362 3.74 -2.85 -2.17
CA LYS A 362 3.99 -1.62 -1.44
C LYS A 362 5.06 -1.82 -0.36
N ILE A 363 4.88 -2.83 0.51
CA ILE A 363 5.90 -3.09 1.54
C ILE A 363 7.28 -3.31 0.90
N LYS A 364 7.32 -4.07 -0.19
CA LYS A 364 8.60 -4.35 -0.84
C LYS A 364 9.24 -3.08 -1.39
N GLN A 365 8.45 -2.22 -2.04
CA GLN A 365 8.97 -0.91 -2.47
C GLN A 365 9.50 -0.04 -1.30
N ARG A 366 8.87 -0.13 -0.14
CA ARG A 366 9.37 0.64 1.02
C ARG A 366 10.68 0.10 1.57
N LEU A 367 10.84 -1.22 1.58
CA LEU A 367 12.09 -1.83 2.03
C LEU A 367 13.19 -1.53 1.03
N PHE A 368 12.84 -1.54 -0.26
CA PHE A 368 13.78 -1.11 -1.31
C PHE A 368 14.33 0.28 -1.03
N GLU A 369 13.46 1.22 -0.64
CA GLU A 369 13.89 2.57 -0.28
C GLU A 369 14.94 2.49 0.80
N ASN A 370 14.61 1.74 1.85
CA ASN A 370 15.48 1.62 3.02
C ASN A 370 16.83 1.06 2.57
N LEU A 371 16.79 0.03 1.74
CA LEU A 371 18.01 -0.59 1.28
C LEU A 371 18.90 0.29 0.41
N ARG A 372 18.32 1.29 -0.26
CA ARG A 372 19.10 2.26 -1.03
C ARG A 372 20.09 3.04 -0.16
N MET A 373 19.85 3.03 1.15
CA MET A 373 20.59 3.85 2.11
C MET A 373 21.90 3.25 2.55
N LEU A 374 22.19 2.03 2.11
CA LEU A 374 23.47 1.40 2.42
C LEU A 374 24.55 1.95 1.47
N PRO A 375 25.84 1.78 1.83
CA PRO A 375 26.88 2.16 0.88
C PRO A 375 27.14 1.05 -0.13
N LYS B 10 -5.35 27.05 19.01
CA LYS B 10 -6.73 26.46 19.14
C LYS B 10 -6.70 24.98 19.56
N LYS B 11 -7.54 24.64 20.55
CA LYS B 11 -7.46 23.33 21.20
C LYS B 11 -8.50 22.32 20.73
N VAL B 12 -8.04 21.09 20.49
CA VAL B 12 -8.92 20.05 19.99
C VAL B 12 -8.92 18.89 20.95
N CYS B 13 -10.12 18.45 21.33
CA CYS B 13 -10.32 17.25 22.12
C CYS B 13 -11.06 16.22 21.28
N TYR B 14 -10.72 14.96 21.52
CA TYR B 14 -11.11 13.88 20.64
C TYR B 14 -11.52 12.70 21.50
N TYR B 15 -12.69 12.13 21.23
CA TYR B 15 -13.18 11.01 22.01
C TYR B 15 -13.12 9.67 21.24
N TYR B 16 -12.57 8.66 21.90
CA TYR B 16 -12.51 7.32 21.33
C TYR B 16 -12.50 6.31 22.43
N ASP B 17 -13.34 5.29 22.30
CA ASP B 17 -13.23 4.10 23.10
C ASP B 17 -12.72 2.98 22.23
N GLY B 18 -11.71 2.26 22.71
CA GLY B 18 -11.08 1.20 21.95
C GLY B 18 -11.99 0.02 21.73
N ASP B 19 -13.14 -0.01 22.40
CA ASP B 19 -14.08 -1.13 22.30
C ASP B 19 -15.04 -0.96 21.14
N ILE B 20 -15.09 0.25 20.59
CA ILE B 20 -16.18 0.65 19.70
C ILE B 20 -16.14 -0.12 18.38
N GLY B 21 -14.94 -0.46 17.93
CA GLY B 21 -14.76 -1.21 16.70
C GLY B 21 -15.23 -2.66 16.77
N ASN B 22 -15.45 -3.18 17.98
CA ASN B 22 -15.83 -4.57 18.13
C ASN B 22 -17.35 -4.81 18.09
N TYR B 23 -18.13 -3.76 18.31
CA TYR B 23 -19.58 -3.83 18.14
C TYR B 23 -19.90 -4.11 16.68
N TYR B 24 -20.81 -5.06 16.46
CA TYR B 24 -21.08 -5.61 15.13
C TYR B 24 -22.58 -5.74 14.85
N TYR B 25 -23.03 -5.07 13.79
CA TYR B 25 -24.47 -4.98 13.44
C TYR B 25 -25.02 -6.26 12.82
N GLY B 26 -24.15 -7.18 12.40
CA GLY B 26 -24.61 -8.42 11.78
C GLY B 26 -24.05 -8.58 10.38
N GLN B 27 -24.02 -9.82 9.89
CA GLN B 27 -23.51 -10.14 8.55
C GLN B 27 -24.31 -9.38 7.51
N GLY B 28 -23.59 -8.77 6.56
CA GLY B 28 -24.20 -8.03 5.47
C GLY B 28 -24.66 -6.61 5.80
N HIS B 29 -24.62 -6.22 7.07
CA HIS B 29 -25.07 -4.89 7.44
C HIS B 29 -24.00 -3.85 7.12
N PRO B 30 -24.39 -2.78 6.39
CA PRO B 30 -23.37 -1.87 5.86
C PRO B 30 -22.69 -0.99 6.90
N MET B 31 -23.34 -0.79 8.04
CA MET B 31 -22.75 0.02 9.11
C MET B 31 -21.68 -0.79 9.83
N LYS B 32 -20.49 -0.22 9.95
CA LYS B 32 -19.34 -0.94 10.49
C LYS B 32 -18.56 -0.10 11.51
N PRO B 33 -18.74 -0.37 12.80
CA PRO B 33 -18.11 0.48 13.81
C PRO B 33 -16.59 0.39 13.83
N HIS B 34 -16.08 -0.66 13.18
CA HIS B 34 -14.65 -0.86 12.92
C HIS B 34 -14.04 0.31 12.13
N ARG B 35 -14.88 1.04 11.38
CA ARG B 35 -14.39 2.18 10.61
C ARG B 35 -13.85 3.28 11.52
N ILE B 36 -14.40 3.38 12.72
CA ILE B 36 -13.91 4.31 13.73
C ILE B 36 -12.53 3.90 14.21
N ARG B 37 -12.34 2.59 14.43
CA ARG B 37 -11.03 2.05 14.78
C ARG B 37 -10.02 2.25 13.64
N MET B 38 -10.45 2.11 12.39
CA MET B 38 -9.52 2.36 11.29
C MET B 38 -9.10 3.82 11.26
N THR B 39 -10.05 4.71 11.50
CA THR B 39 -9.82 6.14 11.60
C THR B 39 -8.81 6.46 12.71
N HIS B 40 -9.11 5.94 13.90
CA HIS B 40 -8.26 6.17 15.04
C HIS B 40 -6.85 5.67 14.75
N ASN B 41 -6.73 4.47 14.22
CA ASN B 41 -5.42 3.91 13.99
C ASN B 41 -4.66 4.66 12.87
N LEU B 42 -5.38 5.15 11.88
CA LEU B 42 -4.74 6.01 10.89
C LEU B 42 -4.22 7.34 11.48
N LEU B 43 -5.05 8.06 12.21
CA LEU B 43 -4.56 9.30 12.79
C LEU B 43 -3.44 9.13 13.83
N LEU B 44 -3.50 8.08 14.65
CA LEU B 44 -2.34 7.78 15.51
C LEU B 44 -1.07 7.58 14.67
N ASN B 45 -1.19 6.81 13.58
CA ASN B 45 -0.02 6.55 12.76
C ASN B 45 0.46 7.77 11.95
N TYR B 46 -0.40 8.78 11.78
CA TYR B 46 0.03 10.11 11.28
C TYR B 46 0.71 10.95 12.36
N GLY B 47 0.61 10.49 13.61
CA GLY B 47 1.20 11.16 14.77
C GLY B 47 0.39 12.36 15.29
N LEU B 48 -0.85 12.48 14.86
CA LEU B 48 -1.71 13.59 15.30
C LEU B 48 -2.08 13.59 16.80
N TYR B 49 -1.94 12.45 17.47
CA TYR B 49 -2.17 12.33 18.91
C TYR B 49 -1.31 13.28 19.74
N ARG B 50 -0.15 13.62 19.19
CA ARG B 50 0.80 14.55 19.81
C ARG B 50 0.22 15.95 19.97
N LYS B 51 -0.80 16.27 19.17
CA LYS B 51 -1.29 17.64 19.09
C LYS B 51 -2.70 17.81 19.66
N MET B 52 -3.36 16.72 20.02
CA MET B 52 -4.66 16.83 20.61
C MET B 52 -4.77 16.06 21.91
N GLU B 53 -5.71 16.49 22.74
CA GLU B 53 -6.14 15.74 23.91
C GLU B 53 -7.10 14.64 23.47
N ILE B 54 -6.75 13.41 23.80
CA ILE B 54 -7.56 12.27 23.45
C ILE B 54 -8.22 11.74 24.73
N TYR B 55 -9.49 11.45 24.65
CA TYR B 55 -10.24 11.00 25.80
C TYR B 55 -11.08 9.80 25.45
N ARG B 56 -11.24 8.95 26.45
CA ARG B 56 -12.11 7.80 26.38
CA ARG B 56 -12.11 7.79 26.39
C ARG B 56 -13.49 8.21 26.94
N PRO B 57 -14.57 8.05 26.15
CA PRO B 57 -15.79 8.61 26.69
C PRO B 57 -16.37 7.73 27.79
N HIS B 58 -17.15 8.33 28.68
CA HIS B 58 -17.92 7.59 29.69
C HIS B 58 -19.09 6.92 28.99
N LYS B 59 -19.63 5.85 29.56
CA LYS B 59 -20.89 5.26 29.08
C LYS B 59 -22.08 6.10 29.51
N ALA B 60 -22.67 6.85 28.57
CA ALA B 60 -23.83 7.71 28.87
C ALA B 60 -24.94 6.95 29.61
N THR B 61 -25.49 7.62 30.61
CA THR B 61 -26.49 7.00 31.47
C THR B 61 -27.89 7.12 30.91
N ALA B 62 -28.78 6.23 31.34
CA ALA B 62 -30.21 6.36 31.10
C ALA B 62 -30.70 7.78 31.38
N GLU B 63 -30.20 8.37 32.47
CA GLU B 63 -30.52 9.75 32.85
C GLU B 63 -30.09 10.74 31.75
N GLU B 64 -28.88 10.58 31.27
CA GLU B 64 -28.38 11.40 30.17
C GLU B 64 -29.22 11.27 28.92
N MET B 65 -29.60 10.04 28.57
CA MET B 65 -30.33 9.77 27.33
C MET B 65 -31.80 10.13 27.36
N THR B 66 -32.40 10.12 28.54
CA THR B 66 -33.83 10.45 28.64
C THR B 66 -34.11 11.95 28.72
N LYS B 67 -33.05 12.77 28.63
CA LYS B 67 -33.16 14.22 28.44
C LYS B 67 -33.83 14.56 27.10
N TYR B 68 -33.93 13.56 26.23
CA TYR B 68 -34.69 13.68 24.99
C TYR B 68 -35.58 12.46 24.76
N HIS B 69 -34.95 11.29 24.65
CA HIS B 69 -35.63 10.05 24.38
C HIS B 69 -36.57 9.69 25.52
N SER B 70 -37.66 8.99 25.19
CA SER B 70 -38.63 8.61 26.20
C SER B 70 -38.07 7.52 27.09
N ASP B 71 -38.42 7.55 28.38
CA ASP B 71 -38.04 6.50 29.37
C ASP B 71 -38.23 5.07 28.88
N GLU B 72 -39.38 4.78 28.31
CA GLU B 72 -39.68 3.42 27.85
C GLU B 72 -38.83 2.94 26.65
N TYR B 73 -38.52 3.83 25.69
CA TYR B 73 -37.60 3.49 24.61
C TYR B 73 -36.22 3.07 25.11
N ILE B 74 -35.67 3.85 26.03
CA ILE B 74 -34.31 3.60 26.55
C ILE B 74 -34.24 2.35 27.42
N LYS B 75 -35.26 2.15 28.28
CA LYS B 75 -35.41 0.91 29.03
C LYS B 75 -35.41 -0.31 28.11
N PHE B 76 -36.03 -0.16 26.94
CA PHE B 76 -36.08 -1.24 25.97
C PHE B 76 -34.69 -1.53 25.41
N LEU B 77 -33.94 -0.48 25.11
CA LEU B 77 -32.60 -0.63 24.58
C LEU B 77 -31.68 -1.22 25.62
N ARG B 78 -31.96 -0.91 26.89
CA ARG B 78 -31.25 -1.45 28.06
C ARG B 78 -31.49 -2.93 28.19
N SER B 79 -32.63 -3.41 27.66
CA SER B 79 -33.10 -4.77 27.90
C SER B 79 -32.93 -5.74 26.75
N ILE B 80 -33.16 -5.25 25.53
CA ILE B 80 -33.20 -6.09 24.35
C ILE B 80 -31.87 -6.78 24.12
N ARG B 81 -31.93 -8.06 23.76
CA ARG B 81 -30.75 -8.87 23.53
C ARG B 81 -31.11 -9.92 22.47
N PRO B 82 -30.11 -10.44 21.73
CA PRO B 82 -30.41 -11.43 20.68
C PRO B 82 -31.07 -12.70 21.22
N ASP B 83 -30.72 -13.11 22.43
CA ASP B 83 -31.34 -14.29 23.02
C ASP B 83 -32.80 -14.07 23.46
N ASN B 84 -33.18 -12.80 23.70
CA ASN B 84 -34.54 -12.52 24.22
C ASN B 84 -35.50 -11.77 23.27
N MET B 85 -35.19 -11.75 21.98
CA MET B 85 -36.03 -11.08 20.97
C MET B 85 -37.48 -11.55 20.92
N SER B 86 -37.70 -12.86 21.05
CA SER B 86 -39.03 -13.48 20.99
C SER B 86 -39.99 -12.92 22.03
N GLU B 87 -39.48 -12.80 23.26
CA GLU B 87 -40.22 -12.18 24.35
C GLU B 87 -40.59 -10.73 23.99
N TYR B 88 -39.66 -10.03 23.36
CA TYR B 88 -39.81 -8.58 23.11
C TYR B 88 -40.30 -8.20 21.71
N SER B 89 -41.07 -9.05 21.03
CA SER B 89 -41.46 -8.75 19.63
C SER B 89 -42.34 -7.51 19.41
N LYS B 90 -43.33 -7.31 20.27
CA LYS B 90 -44.18 -6.10 20.17
C LYS B 90 -43.38 -4.83 20.45
N GLN B 91 -42.47 -4.89 21.42
CA GLN B 91 -41.60 -3.76 21.72
C GLN B 91 -40.64 -3.51 20.56
N MET B 92 -40.03 -4.56 20.02
CA MET B 92 -39.26 -4.44 18.78
C MET B 92 -40.01 -3.66 17.69
N GLN B 93 -41.25 -4.05 17.43
CA GLN B 93 -42.03 -3.46 16.35
C GLN B 93 -42.24 -1.99 16.63
N ARG B 94 -42.58 -1.70 17.88
CA ARG B 94 -42.92 -0.38 18.36
C ARG B 94 -41.73 0.56 18.21
N PHE B 95 -40.55 0.11 18.61
CA PHE B 95 -39.35 0.94 18.57
C PHE B 95 -38.53 0.79 17.29
N ASN B 96 -39.10 0.10 16.29
CA ASN B 96 -38.48 -0.04 14.96
C ASN B 96 -37.09 -0.63 15.03
N VAL B 97 -36.90 -1.58 15.95
CA VAL B 97 -35.64 -2.28 16.15
C VAL B 97 -35.82 -3.69 15.65
N GLY B 98 -34.92 -4.15 14.77
CA GLY B 98 -34.92 -5.54 14.30
C GLY B 98 -34.58 -5.76 12.84
N GLU B 99 -34.76 -4.72 12.03
CA GLU B 99 -34.50 -4.81 10.59
C GLU B 99 -33.28 -3.95 10.22
N ASP B 100 -33.50 -2.71 9.79
CA ASP B 100 -32.42 -1.76 9.48
C ASP B 100 -31.56 -1.47 10.70
N CYS B 101 -32.17 -1.45 11.88
CA CYS B 101 -31.43 -1.27 13.12
C CYS B 101 -31.55 -2.58 13.91
N PRO B 102 -30.62 -3.53 13.66
CA PRO B 102 -30.71 -4.87 14.26
C PRO B 102 -30.44 -4.85 15.74
N VAL B 103 -30.84 -5.92 16.41
CA VAL B 103 -30.40 -6.21 17.75
C VAL B 103 -29.05 -6.87 17.54
N PHE B 104 -28.07 -6.51 18.36
CA PHE B 104 -26.81 -7.20 18.40
C PHE B 104 -26.23 -7.16 19.79
N ASP B 105 -25.25 -8.03 20.06
CA ASP B 105 -24.59 -8.08 21.36
C ASP B 105 -23.98 -6.74 21.74
N GLY B 106 -24.37 -6.26 22.92
CA GLY B 106 -23.86 -5.00 23.44
C GLY B 106 -24.39 -3.80 22.67
N LEU B 107 -25.57 -3.95 22.06
CA LEU B 107 -26.27 -2.82 21.46
C LEU B 107 -26.26 -1.61 22.40
N PHE B 108 -26.66 -1.80 23.65
CA PHE B 108 -26.78 -0.66 24.57
C PHE B 108 -25.43 -0.01 24.90
N GLU B 109 -24.42 -0.84 25.14
CA GLU B 109 -23.09 -0.34 25.48
C GLU B 109 -22.54 0.49 24.31
N PHE B 110 -22.72 -0.02 23.09
CA PHE B 110 -22.45 0.75 21.88
C PHE B 110 -23.13 2.14 21.90
N CYS B 111 -24.43 2.17 22.14
CA CYS B 111 -25.14 3.44 22.21
C CYS B 111 -24.53 4.34 23.25
N GLN B 112 -24.19 3.75 24.39
CA GLN B 112 -23.59 4.47 25.51
C GLN B 112 -22.28 5.17 25.17
N LEU B 113 -21.38 4.45 24.52
CA LEU B 113 -20.08 4.99 24.15
C LEU B 113 -20.21 6.03 23.05
N SER B 114 -21.09 5.76 22.10
CA SER B 114 -21.34 6.67 21.00
C SER B 114 -21.85 8.04 21.54
N THR B 115 -22.90 8.00 22.36
CA THR B 115 -23.50 9.20 22.93
C THR B 115 -22.59 9.92 23.94
N GLY B 116 -21.83 9.11 24.70
CA GLY B 116 -20.90 9.60 25.70
C GLY B 116 -19.90 10.57 25.13
N GLY B 117 -19.31 10.21 24.00
CA GLY B 117 -18.41 11.10 23.29
C GLY B 117 -19.01 12.47 23.05
N SER B 118 -20.17 12.50 22.41
CA SER B 118 -20.85 13.75 22.05
C SER B 118 -21.15 14.66 23.25
N VAL B 119 -21.74 14.11 24.29
CA VAL B 119 -22.15 14.93 25.43
C VAL B 119 -20.92 15.41 26.21
N ALA B 120 -19.90 14.57 26.30
CA ALA B 120 -18.65 14.96 26.95
C ALA B 120 -18.00 16.15 26.22
N GLY B 121 -18.00 16.11 24.89
CA GLY B 121 -17.48 17.19 24.06
C GLY B 121 -18.30 18.47 24.16
N ALA B 122 -19.63 18.33 24.18
CA ALA B 122 -20.50 19.47 24.42
C ALA B 122 -20.15 20.11 25.77
N VAL B 123 -19.90 19.28 26.79
CA VAL B 123 -19.48 19.80 28.10
C VAL B 123 -18.13 20.55 28.05
N LYS B 124 -17.13 19.96 27.40
CA LYS B 124 -15.82 20.60 27.33
C LYS B 124 -15.94 21.98 26.67
N LEU B 125 -16.83 22.09 25.68
CA LEU B 125 -17.02 23.34 24.96
C LEU B 125 -17.68 24.39 25.86
N ASN B 126 -18.72 23.98 26.59
CA ASN B 126 -19.38 24.82 27.58
C ASN B 126 -18.42 25.32 28.64
N ARG B 127 -17.60 24.42 29.17
CA ARG B 127 -16.60 24.79 30.19
C ARG B 127 -15.39 25.55 29.62
N GLN B 128 -15.49 25.91 28.34
CA GLN B 128 -14.43 26.65 27.63
C GLN B 128 -13.06 26.05 27.85
N GLN B 129 -13.02 24.75 28.10
CA GLN B 129 -11.78 24.00 28.24
C GLN B 129 -11.23 23.53 26.89
N THR B 130 -12.02 23.68 25.82
CA THR B 130 -11.59 23.36 24.45
C THR B 130 -12.23 24.27 23.41
N ASP B 131 -11.65 24.30 22.23
CA ASP B 131 -12.19 25.08 21.11
C ASP B 131 -12.95 24.18 20.11
N MET B 132 -12.51 22.93 20.03
CA MET B 132 -13.12 21.95 19.19
C MET B 132 -13.15 20.63 19.92
N ALA B 133 -14.28 19.95 19.83
CA ALA B 133 -14.41 18.61 20.39
C ALA B 133 -14.73 17.69 19.25
N VAL B 134 -14.14 16.50 19.25
CA VAL B 134 -14.35 15.57 18.11
C VAL B 134 -14.77 14.18 18.59
N ASN B 135 -15.83 13.65 18.00
CA ASN B 135 -16.31 12.31 18.34
C ASN B 135 -16.77 11.60 17.08
N TRP B 136 -15.87 10.85 16.43
CA TRP B 136 -16.23 10.20 15.18
C TRP B 136 -17.29 9.11 15.33
N ALA B 137 -17.43 8.59 16.55
CA ALA B 137 -18.44 7.57 16.86
C ALA B 137 -19.86 8.12 16.88
N GLY B 138 -20.00 9.45 16.90
CA GLY B 138 -21.31 10.09 17.00
C GLY B 138 -21.87 10.48 15.66
N GLY B 139 -22.83 11.39 15.65
CA GLY B 139 -23.47 11.86 14.42
C GLY B 139 -24.65 11.04 13.96
N LEU B 140 -25.31 10.34 14.89
CA LEU B 140 -26.34 9.39 14.51
C LEU B 140 -27.72 10.05 14.40
N HIS B 141 -27.83 10.84 13.33
CA HIS B 141 -28.86 11.88 13.15
C HIS B 141 -30.30 11.43 12.97
N HIS B 142 -30.53 10.15 12.71
CA HIS B 142 -31.87 9.66 12.37
C HIS B 142 -32.66 9.17 13.58
N ALA B 143 -31.96 8.82 14.65
CA ALA B 143 -32.65 8.27 15.83
C ALA B 143 -33.71 9.24 16.35
N LYS B 144 -34.86 8.70 16.69
CA LYS B 144 -36.00 9.51 17.13
C LYS B 144 -36.21 9.38 18.61
N LYS B 145 -37.07 10.24 19.13
CA LYS B 145 -37.42 10.28 20.53
C LYS B 145 -37.75 8.87 21.04
N SER B 146 -38.74 8.24 20.41
CA SER B 146 -39.20 6.91 20.79
C SER B 146 -38.94 5.83 19.75
N GLU B 147 -37.91 6.01 18.92
CA GLU B 147 -37.67 4.95 17.93
C GLU B 147 -36.35 5.05 17.17
N ALA B 148 -35.85 3.89 16.80
CA ALA B 148 -34.64 3.76 16.00
C ALA B 148 -34.97 3.92 14.51
N SER B 149 -34.04 4.47 13.76
CA SER B 149 -34.19 4.63 12.32
C SER B 149 -32.83 4.81 11.70
N GLY B 150 -32.67 4.28 10.49
CA GLY B 150 -31.48 4.52 9.65
C GLY B 150 -30.14 4.16 10.29
N PHE B 151 -30.15 3.04 11.03
CA PHE B 151 -28.98 2.49 11.76
C PHE B 151 -28.65 3.24 13.06
N CYS B 152 -29.50 4.21 13.42
CA CYS B 152 -29.32 5.02 14.63
C CYS B 152 -30.35 4.70 15.71
N TYR B 153 -29.88 4.51 16.94
CA TYR B 153 -30.74 4.16 18.07
C TYR B 153 -30.97 5.34 19.01
N VAL B 154 -29.88 5.98 19.42
CA VAL B 154 -29.95 7.12 20.33
C VAL B 154 -29.37 8.31 19.58
N ASN B 155 -30.05 9.45 19.64
CA ASN B 155 -29.63 10.63 18.86
C ASN B 155 -28.68 11.46 19.73
N ASP B 156 -27.40 11.10 19.67
CA ASP B 156 -26.33 11.76 20.41
C ASP B 156 -26.24 13.24 20.06
N ILE B 157 -26.62 13.58 18.83
CA ILE B 157 -26.57 14.96 18.39
C ILE B 157 -27.52 15.85 19.19
N VAL B 158 -28.76 15.41 19.32
CA VAL B 158 -29.77 16.14 20.08
C VAL B 158 -29.33 16.34 21.53
N LEU B 159 -28.81 15.29 22.13
CA LEU B 159 -28.40 15.35 23.53
C LEU B 159 -27.23 16.29 23.68
N ALA B 160 -26.32 16.29 22.69
CA ALA B 160 -25.20 17.23 22.70
C ALA B 160 -25.72 18.66 22.56
N ILE B 161 -26.69 18.83 21.67
CA ILE B 161 -27.25 20.14 21.43
C ILE B 161 -27.99 20.60 22.67
N LEU B 162 -28.76 19.70 23.27
CA LEU B 162 -29.45 20.03 24.52
C LEU B 162 -28.46 20.47 25.57
N GLU B 163 -27.24 19.96 25.51
CA GLU B 163 -26.24 20.26 26.50
C GLU B 163 -25.63 21.63 26.20
N LEU B 164 -25.46 21.93 24.91
CA LEU B 164 -24.89 23.22 24.52
C LEU B 164 -25.88 24.36 24.80
N LEU B 165 -27.16 24.01 24.71
CA LEU B 165 -28.22 24.95 24.94
C LEU B 165 -28.25 25.46 26.40
N LYS B 166 -27.60 24.73 27.29
CA LYS B 166 -27.46 25.18 28.67
C LYS B 166 -26.69 26.49 28.77
N TYR B 167 -25.67 26.67 27.92
CA TYR B 167 -24.80 27.84 27.93
C TYR B 167 -24.90 28.74 26.71
N HIS B 168 -25.69 28.36 25.71
CA HIS B 168 -25.75 29.15 24.47
C HIS B 168 -27.18 29.32 24.08
N GLN B 169 -27.54 30.56 23.79
CA GLN B 169 -28.90 30.89 23.36
C GLN B 169 -29.20 30.31 21.98
N ARG B 170 -28.21 30.43 21.10
CA ARG B 170 -28.36 29.97 19.73
C ARG B 170 -27.27 28.97 19.30
N VAL B 171 -27.70 27.79 18.91
CA VAL B 171 -26.80 26.75 18.41
C VAL B 171 -27.12 26.44 16.97
N LEU B 172 -26.11 26.50 16.12
CA LEU B 172 -26.25 26.15 14.72
C LEU B 172 -25.85 24.69 14.48
N TYR B 173 -26.75 23.92 13.88
CA TYR B 173 -26.45 22.57 13.44
C TYR B 173 -26.29 22.46 11.93
N ILE B 174 -25.16 21.88 11.48
CA ILE B 174 -24.89 21.67 10.05
C ILE B 174 -24.68 20.19 9.77
N ASP B 175 -25.28 19.70 8.68
CA ASP B 175 -25.33 18.26 8.40
C ASP B 175 -24.95 17.94 6.95
N ILE B 176 -23.69 17.53 6.75
CA ILE B 176 -23.17 17.24 5.40
C ILE B 176 -23.16 15.75 5.06
N ASP B 177 -23.90 14.97 5.84
CA ASP B 177 -24.16 13.58 5.51
C ASP B 177 -25.04 13.55 4.24
N ILE B 178 -25.03 12.47 3.48
CA ILE B 178 -25.85 12.44 2.25
C ILE B 178 -27.33 12.39 2.60
N HIS B 179 -27.62 11.80 3.75
CA HIS B 179 -29.00 11.72 4.20
C HIS B 179 -29.44 12.96 4.97
N HIS B 180 -30.73 13.23 4.85
CA HIS B 180 -31.34 14.31 5.62
C HIS B 180 -31.16 14.04 7.10
N GLY B 181 -30.67 15.04 7.82
CA GLY B 181 -30.66 15.00 9.28
C GLY B 181 -32.04 15.22 9.86
N ASP B 182 -32.90 14.22 9.67
CA ASP B 182 -34.28 14.30 10.10
C ASP B 182 -34.49 14.26 11.63
N GLY B 183 -33.75 13.40 12.32
CA GLY B 183 -33.94 13.21 13.75
C GLY B 183 -33.71 14.49 14.51
N VAL B 184 -32.76 15.29 14.02
CA VAL B 184 -32.32 16.52 14.67
C VAL B 184 -33.23 17.68 14.27
N GLU B 185 -33.58 17.73 12.99
CA GLU B 185 -34.51 18.70 12.49
C GLU B 185 -35.81 18.63 13.30
N GLU B 186 -36.35 17.41 13.41
CA GLU B 186 -37.59 17.17 14.14
C GLU B 186 -37.49 17.57 15.60
N ALA B 187 -36.43 17.17 16.27
CA ALA B 187 -36.25 17.52 17.69
C ALA B 187 -36.44 19.01 17.95
N PHE B 188 -36.00 19.84 17.00
CA PHE B 188 -35.94 21.30 17.15
C PHE B 188 -36.79 22.07 16.13
N TYR B 189 -37.79 21.37 15.59
CA TYR B 189 -38.58 21.91 14.49
C TYR B 189 -39.40 23.11 14.91
N THR B 190 -39.71 23.22 16.20
CA THR B 190 -40.54 24.32 16.70
C THR B 190 -39.76 25.29 17.57
N THR B 191 -38.44 25.37 17.37
CA THR B 191 -37.59 26.32 18.10
C THR B 191 -36.57 27.03 17.21
N ASP B 192 -36.33 28.29 17.59
CA ASP B 192 -35.32 29.18 17.01
C ASP B 192 -34.03 29.21 17.83
N ARG B 193 -33.99 28.43 18.90
CA ARG B 193 -32.78 28.28 19.69
C ARG B 193 -31.74 27.37 18.99
N VAL B 194 -32.22 26.63 17.99
CA VAL B 194 -31.39 25.80 17.13
C VAL B 194 -31.83 25.97 15.67
N MET B 195 -30.85 26.34 14.83
CA MET B 195 -31.06 26.32 13.41
C MET B 195 -30.35 25.11 12.88
N THR B 196 -31.11 24.26 12.20
CA THR B 196 -30.56 23.09 11.56
C THR B 196 -30.42 23.38 10.08
N VAL B 197 -29.29 22.96 9.53
CA VAL B 197 -29.03 23.13 8.12
C VAL B 197 -28.52 21.79 7.61
N SER B 198 -29.29 21.17 6.71
CA SER B 198 -28.87 19.94 6.09
C SER B 198 -28.73 20.02 4.58
N PHE B 199 -27.65 19.41 4.08
CA PHE B 199 -27.37 19.28 2.67
C PHE B 199 -27.44 17.80 2.44
N HIS B 200 -28.23 17.38 1.46
CA HIS B 200 -28.56 15.95 1.31
C HIS B 200 -29.20 15.66 -0.05
N LYS B 201 -29.09 14.40 -0.47
CA LYS B 201 -29.80 13.90 -1.64
C LYS B 201 -31.29 13.88 -1.34
N TYR B 202 -32.08 14.45 -2.24
CA TYR B 202 -33.54 14.43 -2.11
C TYR B 202 -34.16 13.85 -3.37
N GLY B 203 -35.26 13.13 -3.16
CA GLY B 203 -35.96 12.46 -4.24
C GLY B 203 -35.77 10.96 -4.17
N GLU B 204 -36.74 10.30 -3.55
CA GLU B 204 -36.80 8.83 -3.47
C GLU B 204 -35.56 8.22 -2.81
N TYR B 205 -35.19 8.81 -1.67
CA TYR B 205 -33.96 8.48 -0.96
C TYR B 205 -34.24 8.57 0.53
N PHE B 206 -33.67 7.66 1.31
CA PHE B 206 -33.82 7.71 2.76
C PHE B 206 -33.42 9.11 3.26
N PRO B 207 -34.19 9.71 4.17
CA PRO B 207 -35.42 9.11 4.72
C PRO B 207 -36.69 9.71 4.10
N GLY B 208 -36.54 10.50 3.04
CA GLY B 208 -37.71 11.00 2.34
C GLY B 208 -38.20 12.37 2.80
N THR B 209 -37.66 12.86 3.91
CA THR B 209 -37.93 14.22 4.37
C THR B 209 -36.79 15.12 3.90
N GLY B 210 -36.86 16.41 4.20
CA GLY B 210 -35.80 17.32 3.82
C GLY B 210 -36.09 18.11 2.56
N ASP B 211 -37.36 18.43 2.36
CA ASP B 211 -37.79 19.23 1.21
C ASP B 211 -37.30 20.66 1.41
N LEU B 212 -36.97 21.31 0.29
CA LEU B 212 -36.67 22.74 0.27
C LEU B 212 -37.70 23.58 1.04
N ARG B 213 -38.96 23.15 0.97
CA ARG B 213 -40.08 23.83 1.62
C ARG B 213 -40.28 23.47 3.08
N ASP B 214 -39.54 22.49 3.59
CA ASP B 214 -39.51 22.26 5.04
C ASP B 214 -38.58 23.29 5.70
N ILE B 215 -39.18 24.20 6.46
CA ILE B 215 -38.49 25.41 6.90
C ILE B 215 -38.71 25.71 8.39
N GLY B 216 -39.48 24.85 9.05
CA GLY B 216 -39.84 25.04 10.47
C GLY B 216 -41.31 25.39 10.71
N ALA B 217 -41.76 25.23 11.94
CA ALA B 217 -43.11 25.58 12.33
C ALA B 217 -43.12 26.43 13.59
N GLY B 218 -44.09 27.34 13.68
CA GLY B 218 -44.30 28.18 14.85
C GLY B 218 -43.16 29.12 15.16
N LYS B 219 -42.72 29.12 16.42
CA LYS B 219 -41.56 29.91 16.80
C LYS B 219 -40.36 29.49 15.94
N GLY B 220 -40.36 28.22 15.52
CA GLY B 220 -39.26 27.65 14.70
C GLY B 220 -39.22 27.94 13.20
N LYS B 221 -40.18 28.73 12.71
CA LYS B 221 -40.29 29.02 11.28
C LYS B 221 -39.07 29.79 10.81
N TYR B 222 -38.38 29.22 9.82
CA TYR B 222 -37.14 29.78 9.27
C TYR B 222 -35.90 29.33 10.04
N TYR B 223 -36.04 28.30 10.85
CA TYR B 223 -34.91 27.82 11.68
C TYR B 223 -34.71 26.33 11.42
N ALA B 224 -34.99 26.00 10.17
CA ALA B 224 -34.73 24.73 9.54
C ALA B 224 -34.40 25.03 8.05
N VAL B 225 -33.20 24.63 7.61
CA VAL B 225 -32.72 24.94 6.25
C VAL B 225 -32.34 23.63 5.57
N ASN B 226 -32.87 23.41 4.37
CA ASN B 226 -32.67 22.15 3.69
C ASN B 226 -32.22 22.39 2.25
N PHE B 227 -31.03 21.89 1.93
CA PHE B 227 -30.57 22.01 0.56
C PHE B 227 -30.65 20.67 -0.13
N PRO B 228 -31.75 20.44 -0.87
CA PRO B 228 -31.94 19.18 -1.59
C PRO B 228 -31.08 19.10 -2.84
N MET B 229 -30.36 17.98 -3.02
CA MET B 229 -29.45 17.81 -4.14
C MET B 229 -29.73 16.54 -4.90
N ARG B 230 -29.07 16.40 -6.05
CA ARG B 230 -29.20 15.25 -6.94
C ARG B 230 -27.85 14.52 -7.04
N ASP B 231 -27.85 13.33 -7.65
CA ASP B 231 -26.64 12.52 -7.88
C ASP B 231 -25.46 13.27 -8.50
N GLY B 232 -24.26 12.91 -8.03
CA GLY B 232 -23.01 13.30 -8.64
C GLY B 232 -22.54 14.72 -8.41
N ILE B 233 -23.06 15.37 -7.38
CA ILE B 233 -22.52 16.68 -7.02
C ILE B 233 -21.03 16.49 -6.70
N ASP B 234 -20.22 17.48 -7.12
CA ASP B 234 -18.76 17.44 -7.02
C ASP B 234 -18.21 18.56 -6.09
N ASP B 235 -16.88 18.61 -5.92
CA ASP B 235 -16.23 19.56 -5.02
C ASP B 235 -16.55 21.03 -5.36
N GLU B 236 -16.44 21.38 -6.64
CA GLU B 236 -16.66 22.75 -7.09
C GLU B 236 -18.10 23.16 -6.81
N SER B 237 -19.06 22.37 -7.32
CA SER B 237 -20.47 22.61 -7.07
C SER B 237 -20.82 22.70 -5.58
N TYR B 238 -20.28 21.78 -4.77
CA TYR B 238 -20.62 21.72 -3.33
C TYR B 238 -20.01 22.93 -2.63
N GLY B 239 -18.79 23.26 -3.03
CA GLY B 239 -18.04 24.39 -2.45
C GLY B 239 -18.68 25.72 -2.77
N GLN B 240 -19.13 25.86 -4.01
CA GLN B 240 -19.85 27.06 -4.44
C GLN B 240 -21.18 27.31 -3.71
N ILE B 241 -21.83 26.28 -3.20
CA ILE B 241 -23.06 26.54 -2.44
C ILE B 241 -22.86 26.59 -0.93
N PHE B 242 -22.00 25.72 -0.40
CA PHE B 242 -21.85 25.58 1.04
C PHE B 242 -21.31 26.84 1.72
N LYS B 243 -20.26 27.44 1.17
CA LYS B 243 -19.70 28.65 1.76
C LYS B 243 -20.70 29.84 1.85
N PRO B 244 -21.39 30.17 0.74
CA PRO B 244 -22.37 31.27 0.76
C PRO B 244 -23.53 31.09 1.74
N ILE B 245 -24.09 29.88 1.77
CA ILE B 245 -25.24 29.57 2.62
C ILE B 245 -24.84 29.74 4.09
N ILE B 246 -23.75 29.08 4.47
CA ILE B 246 -23.25 29.12 5.83
C ILE B 246 -22.91 30.54 6.24
N SER B 247 -22.18 31.27 5.38
CA SER B 247 -21.87 32.71 5.65
C SER B 247 -23.13 33.51 5.94
N LYS B 248 -24.12 33.34 5.07
CA LYS B 248 -25.41 33.98 5.22
C LYS B 248 -26.10 33.54 6.51
N VAL B 249 -26.04 32.24 6.81
CA VAL B 249 -26.63 31.69 8.03
C VAL B 249 -25.98 32.36 9.25
N MET B 250 -24.65 32.42 9.23
CA MET B 250 -23.90 33.03 10.33
C MET B 250 -24.29 34.49 10.50
N GLU B 251 -24.48 35.18 9.37
CA GLU B 251 -24.79 36.61 9.39
C GLU B 251 -26.12 36.89 10.07
N MET B 252 -27.17 36.17 9.64
CA MET B 252 -28.54 36.37 10.14
C MET B 252 -28.78 35.79 11.53
N TYR B 253 -28.29 34.58 11.78
CA TYR B 253 -28.61 33.85 13.00
C TYR B 253 -27.66 34.15 14.16
N GLN B 254 -26.40 34.34 13.84
CA GLN B 254 -25.36 34.56 14.86
C GLN B 254 -25.43 33.58 16.03
N PRO B 255 -25.11 32.29 15.76
CA PRO B 255 -24.96 31.33 16.84
C PRO B 255 -23.67 31.56 17.64
N SER B 256 -23.69 31.16 18.91
CA SER B 256 -22.49 31.20 19.72
C SER B 256 -21.83 29.82 19.82
N ALA B 257 -22.45 28.80 19.23
CA ALA B 257 -21.89 27.42 19.17
C ALA B 257 -22.35 26.69 17.93
N VAL B 258 -21.53 25.74 17.46
CA VAL B 258 -21.83 25.01 16.21
C VAL B 258 -21.65 23.51 16.38
N VAL B 259 -22.57 22.72 15.82
CA VAL B 259 -22.40 21.27 15.71
C VAL B 259 -22.37 20.89 14.24
N LEU B 260 -21.25 20.34 13.81
CA LEU B 260 -21.08 19.91 12.43
C LEU B 260 -21.06 18.38 12.34
N GLN B 261 -22.09 17.81 11.71
CA GLN B 261 -22.16 16.37 11.46
C GLN B 261 -21.45 16.10 10.12
N CYS B 262 -20.42 15.26 10.14
CA CYS B 262 -19.58 15.01 8.94
C CYS B 262 -19.73 13.62 8.35
N GLY B 263 -20.96 13.13 8.22
CA GLY B 263 -21.23 11.83 7.58
C GLY B 263 -20.42 11.67 6.29
N ALA B 264 -19.70 10.55 6.17
CA ALA B 264 -18.78 10.33 5.04
C ALA B 264 -19.40 9.64 3.82
N ASP B 265 -20.72 9.35 3.88
CA ASP B 265 -21.46 8.74 2.77
C ASP B 265 -21.74 9.71 1.63
N SER B 266 -21.26 10.95 1.75
CA SER B 266 -21.40 11.92 0.68
C SER B 266 -20.14 12.00 -0.17
N LEU B 267 -19.23 11.04 0.05
CA LEU B 267 -18.03 10.91 -0.75
C LEU B 267 -18.24 10.08 -2.02
N SER B 268 -17.46 10.38 -3.05
CA SER B 268 -17.30 9.50 -4.22
C SER B 268 -17.05 8.03 -3.88
N GLY B 269 -17.84 7.15 -4.47
CA GLY B 269 -17.61 5.72 -4.33
C GLY B 269 -18.20 5.09 -3.08
N ASP B 270 -18.97 5.84 -2.31
CA ASP B 270 -19.69 5.29 -1.16
C ASP B 270 -20.69 4.23 -1.58
N ARG B 271 -20.75 3.12 -0.83
CA ARG B 271 -21.60 1.98 -1.15
C ARG B 271 -23.11 2.31 -1.18
N LEU B 272 -23.53 3.31 -0.42
CA LEU B 272 -24.95 3.67 -0.39
C LEU B 272 -25.20 5.04 -0.97
N GLY B 273 -24.19 5.91 -0.90
CA GLY B 273 -24.31 7.26 -1.41
C GLY B 273 -24.11 7.40 -2.91
N CYS B 274 -24.56 8.52 -3.46
CA CYS B 274 -24.42 8.79 -4.88
C CYS B 274 -23.87 10.19 -5.20
N PHE B 275 -23.02 10.70 -4.30
CA PHE B 275 -22.34 11.98 -4.50
C PHE B 275 -20.94 11.72 -5.08
N ASN B 276 -20.25 12.79 -5.51
CA ASN B 276 -18.92 12.66 -6.15
C ASN B 276 -17.86 13.55 -5.48
N LEU B 277 -17.94 13.64 -4.15
CA LEU B 277 -17.07 14.52 -3.41
C LEU B 277 -15.78 13.80 -3.15
N THR B 278 -14.69 14.56 -3.10
CA THR B 278 -13.43 14.03 -2.67
C THR B 278 -13.33 14.26 -1.17
N VAL B 279 -12.31 13.69 -0.54
CA VAL B 279 -12.03 14.00 0.87
C VAL B 279 -11.73 15.50 1.04
N LYS B 280 -11.13 16.14 0.04
CA LYS B 280 -10.84 17.57 0.11
C LYS B 280 -12.09 18.42 0.05
N GLY B 281 -13.02 18.05 -0.83
CA GLY B 281 -14.28 18.76 -0.98
C GLY B 281 -15.11 18.68 0.29
N HIS B 282 -15.15 17.48 0.86
CA HIS B 282 -15.86 17.19 2.09
C HIS B 282 -15.20 17.97 3.25
N ALA B 283 -13.87 17.84 3.38
CA ALA B 283 -13.10 18.60 4.38
C ALA B 283 -13.28 20.12 4.30
N LYS B 284 -13.49 20.64 3.08
CA LYS B 284 -13.65 22.07 2.88
C LYS B 284 -14.70 22.67 3.83
N CYS B 285 -15.73 21.87 4.10
CA CYS B 285 -16.81 22.25 4.98
C CYS B 285 -16.31 22.54 6.39
N VAL B 286 -15.39 21.71 6.87
CA VAL B 286 -14.78 21.89 8.17
C VAL B 286 -14.00 23.21 8.16
N GLU B 287 -13.22 23.47 7.11
CA GLU B 287 -12.46 24.73 6.97
C GLU B 287 -13.35 25.97 7.01
N VAL B 288 -14.43 25.95 6.24
CA VAL B 288 -15.32 27.09 6.19
C VAL B 288 -15.97 27.37 7.55
N VAL B 289 -16.41 26.30 8.21
CA VAL B 289 -17.08 26.41 9.49
C VAL B 289 -16.10 26.94 10.50
N LYS B 290 -14.86 26.49 10.40
CA LYS B 290 -13.82 26.96 11.33
C LYS B 290 -13.59 28.45 11.26
N THR B 291 -13.57 29.02 10.06
CA THR B 291 -13.25 30.43 9.89
C THR B 291 -14.07 31.36 10.78
N PHE B 292 -15.20 30.86 11.26
CA PHE B 292 -16.09 31.65 12.13
C PHE B 292 -15.69 31.70 13.61
N ASN B 293 -14.65 30.94 13.99
CA ASN B 293 -14.07 30.99 15.34
C ASN B 293 -15.14 30.83 16.39
N LEU B 294 -15.89 29.74 16.28
CA LEU B 294 -16.94 29.43 17.23
C LEU B 294 -16.71 28.04 17.78
N PRO B 295 -16.97 27.82 19.08
CA PRO B 295 -16.88 26.48 19.66
C PRO B 295 -17.54 25.45 18.75
N LEU B 296 -16.78 24.47 18.32
CA LEU B 296 -17.25 23.55 17.31
C LEU B 296 -17.19 22.10 17.79
N LEU B 297 -18.34 21.43 17.76
CA LEU B 297 -18.38 19.97 17.95
C LEU B 297 -18.49 19.25 16.61
N MET B 298 -17.47 18.47 16.28
CA MET B 298 -17.43 17.68 15.04
C MET B 298 -17.82 16.23 15.30
N LEU B 299 -18.74 15.71 14.50
CA LEU B 299 -19.27 14.36 14.72
C LEU B 299 -19.20 13.51 13.48
N GLY B 300 -19.28 12.21 13.68
CA GLY B 300 -19.29 11.25 12.58
C GLY B 300 -20.63 11.18 11.91
N GLY B 301 -21.05 9.96 11.53
CA GLY B 301 -22.35 9.77 10.89
C GLY B 301 -22.35 8.59 9.94
N GLY B 302 -22.95 8.76 8.76
CA GLY B 302 -22.87 7.75 7.70
C GLY B 302 -21.49 7.55 7.09
N GLY B 303 -21.39 6.61 6.15
CA GLY B 303 -20.13 6.31 5.43
C GLY B 303 -19.92 4.81 5.41
N TYR B 304 -19.82 4.24 4.20
CA TYR B 304 -20.00 2.80 4.02
C TYR B 304 -18.97 2.12 3.12
N THR B 305 -18.12 2.92 2.46
CA THR B 305 -16.84 2.42 1.91
C THR B 305 -15.85 2.80 2.99
N ILE B 306 -15.53 1.86 3.86
CA ILE B 306 -14.82 2.19 5.11
C ILE B 306 -13.38 2.73 4.94
N ARG B 307 -12.65 2.27 3.95
CA ARG B 307 -11.37 2.91 3.69
C ARG B 307 -11.54 4.43 3.53
N ASN B 308 -12.62 4.89 2.91
CA ASN B 308 -12.76 6.30 2.59
C ASN B 308 -13.31 7.07 3.77
N VAL B 309 -14.05 6.38 4.61
CA VAL B 309 -14.46 6.93 5.88
C VAL B 309 -13.23 7.28 6.71
N ALA B 310 -12.32 6.32 6.84
CA ALA B 310 -11.07 6.49 7.57
C ALA B 310 -10.15 7.58 6.96
N ARG B 311 -10.11 7.69 5.63
CA ARG B 311 -9.36 8.77 4.99
C ARG B 311 -10.04 10.09 5.32
N CYS B 312 -11.35 10.16 5.10
CA CYS B 312 -12.11 11.37 5.38
C CYS B 312 -11.91 11.89 6.79
N TRP B 313 -12.20 11.05 7.79
CA TRP B 313 -12.21 11.52 9.18
C TRP B 313 -10.85 11.84 9.76
N THR B 314 -9.82 11.18 9.21
CA THR B 314 -8.45 11.51 9.53
C THR B 314 -8.08 12.91 9.04
N TYR B 315 -8.38 13.20 7.77
CA TYR B 315 -7.96 14.48 7.20
C TYR B 315 -8.69 15.61 7.90
N GLU B 316 -9.94 15.36 8.29
CA GLU B 316 -10.74 16.38 8.96
C GLU B 316 -10.27 16.62 10.38
N THR B 317 -9.59 15.62 10.98
CA THR B 317 -9.05 15.79 12.33
C THR B 317 -7.87 16.75 12.22
N ALA B 318 -7.13 16.60 11.11
CA ALA B 318 -5.95 17.37 10.81
C ALA B 318 -6.35 18.80 10.43
N VAL B 319 -7.49 18.92 9.74
CA VAL B 319 -8.07 20.24 9.51
C VAL B 319 -8.40 20.90 10.85
N ALA B 320 -9.03 20.17 11.77
CA ALA B 320 -9.40 20.78 13.05
C ALA B 320 -8.16 21.28 13.76
N LEU B 321 -7.06 20.55 13.56
CA LEU B 321 -5.77 20.82 14.19
C LEU B 321 -5.01 21.88 13.41
N ASP B 322 -5.56 22.27 12.27
CA ASP B 322 -4.95 23.31 11.43
C ASP B 322 -3.53 22.90 11.00
N CYS B 323 -3.40 21.70 10.47
CA CYS B 323 -2.15 21.25 9.90
C CYS B 323 -2.37 20.26 8.78
N GLU B 324 -1.41 20.17 7.88
CA GLU B 324 -1.49 19.23 6.80
C GLU B 324 -0.78 17.95 7.14
N ILE B 325 -1.28 16.86 6.58
CA ILE B 325 -0.61 15.59 6.65
C ILE B 325 -0.34 15.11 5.21
N PRO B 326 0.75 14.34 5.02
CA PRO B 326 1.12 13.89 3.67
C PRO B 326 0.08 12.97 3.04
N ASN B 327 -0.02 13.04 1.73
CA ASN B 327 -0.85 12.11 0.98
C ASN B 327 -0.43 10.64 1.11
N GLU B 328 0.87 10.41 1.33
CA GLU B 328 1.43 9.05 1.43
C GLU B 328 1.00 8.46 2.75
N LEU B 329 0.21 7.38 2.74
CA LEU B 329 -0.30 6.84 4.01
C LEU B 329 0.82 6.26 4.87
N PRO B 330 0.77 6.49 6.19
CA PRO B 330 1.77 5.81 7.00
C PRO B 330 1.39 4.34 7.16
N TYR B 331 2.39 3.48 7.36
CA TYR B 331 2.08 2.12 7.77
C TYR B 331 1.08 2.22 8.94
N ASN B 332 0.18 1.25 9.03
CA ASN B 332 -0.82 1.25 10.10
C ASN B 332 -1.45 -0.12 10.12
N ASP B 333 -2.27 -0.39 11.13
CA ASP B 333 -2.76 -1.76 11.36
C ASP B 333 -3.70 -2.29 10.29
N TYR B 334 -4.14 -1.40 9.40
CA TYR B 334 -5.09 -1.78 8.37
C TYR B 334 -4.61 -1.29 7.01
N PHE B 335 -3.29 -1.21 6.89
CA PHE B 335 -2.65 -0.74 5.65
C PHE B 335 -3.26 -1.29 4.36
N GLU B 336 -3.48 -2.60 4.32
CA GLU B 336 -4.01 -3.28 3.14
C GLU B 336 -5.42 -2.83 2.71
N TYR B 337 -6.16 -2.20 3.62
CA TYR B 337 -7.49 -1.75 3.28
C TYR B 337 -7.42 -0.62 2.29
N PHE B 338 -6.23 -0.03 2.12
CA PHE B 338 -6.09 1.22 1.38
C PHE B 338 -5.47 1.06 -0.01
N GLY B 339 -5.32 -0.19 -0.45
CA GLY B 339 -4.93 -0.45 -1.83
C GLY B 339 -6.00 0.05 -2.80
N PRO B 340 -5.66 0.16 -4.09
CA PRO B 340 -4.33 -0.18 -4.61
C PRO B 340 -3.30 0.95 -4.51
N ASP B 341 -3.77 2.17 -4.23
CA ASP B 341 -2.94 3.38 -4.27
C ASP B 341 -2.16 3.69 -2.98
N PHE B 342 -2.72 3.31 -1.83
CA PHE B 342 -2.21 3.69 -0.48
C PHE B 342 -1.99 5.18 -0.25
N LYS B 343 -2.82 6.00 -0.91
CA LYS B 343 -2.83 7.45 -0.64
C LYS B 343 -3.98 7.84 0.29
N LEU B 344 -3.84 8.98 0.95
CA LEU B 344 -4.93 9.54 1.77
C LEU B 344 -6.09 10.07 0.90
N HIS B 345 -5.77 10.78 -0.20
CA HIS B 345 -6.80 11.44 -1.01
C HIS B 345 -7.37 10.59 -2.14
N ILE B 346 -8.64 10.81 -2.43
CA ILE B 346 -9.41 9.99 -3.36
C ILE B 346 -9.77 10.80 -4.59
N SER B 347 -9.96 10.12 -5.71
CA SER B 347 -10.34 10.78 -6.94
C SER B 347 -11.85 10.74 -7.16
N PRO B 348 -12.40 11.77 -7.81
CA PRO B 348 -13.80 11.73 -8.22
C PRO B 348 -13.99 10.69 -9.30
N SER B 349 -15.21 10.18 -9.45
CA SER B 349 -15.53 9.23 -10.50
C SER B 349 -16.03 10.02 -11.70
N ASN B 350 -16.44 9.34 -12.78
CA ASN B 350 -16.86 10.06 -13.99
C ASN B 350 -18.39 10.20 -14.08
N MET B 351 -19.04 9.92 -12.96
CA MET B 351 -20.48 10.02 -12.85
C MET B 351 -20.90 11.46 -13.10
N THR B 352 -22.06 11.62 -13.71
CA THR B 352 -22.54 12.93 -14.09
C THR B 352 -23.04 13.71 -12.88
N ASN B 353 -22.61 14.96 -12.79
CA ASN B 353 -23.20 15.88 -11.85
C ASN B 353 -24.58 16.34 -12.35
N GLN B 354 -25.62 15.70 -11.84
CA GLN B 354 -27.00 16.05 -12.17
C GLN B 354 -27.46 17.41 -11.61
N ASN B 355 -26.63 18.06 -10.81
CA ASN B 355 -26.93 19.38 -10.28
C ASN B 355 -26.37 20.43 -11.24
N THR B 356 -27.20 20.87 -12.17
CA THR B 356 -26.82 21.95 -13.08
C THR B 356 -26.44 23.15 -12.25
N PRO B 357 -25.59 24.05 -12.80
CA PRO B 357 -25.25 25.31 -12.14
C PRO B 357 -26.47 26.14 -11.76
N GLU B 358 -27.46 26.15 -12.65
CA GLU B 358 -28.67 26.95 -12.51
C GLU B 358 -29.59 26.40 -11.41
N TYR B 359 -29.64 25.07 -11.31
CA TYR B 359 -30.35 24.41 -10.21
C TYR B 359 -29.75 24.90 -8.90
N MET B 360 -28.43 24.81 -8.78
CA MET B 360 -27.72 25.20 -7.55
C MET B 360 -28.02 26.64 -7.17
N GLU B 361 -27.95 27.55 -8.15
CA GLU B 361 -28.12 28.96 -7.86
C GLU B 361 -29.57 29.28 -7.54
N LYS B 362 -30.48 28.59 -8.21
CA LYS B 362 -31.92 28.75 -7.99
C LYS B 362 -32.29 28.30 -6.58
N ILE B 363 -31.87 27.08 -6.22
CA ILE B 363 -32.04 26.62 -4.84
C ILE B 363 -31.41 27.62 -3.85
N LYS B 364 -30.13 27.91 -4.03
CA LYS B 364 -29.39 28.84 -3.16
C LYS B 364 -30.11 30.20 -3.00
N GLN B 365 -30.68 30.73 -4.09
CA GLN B 365 -31.45 31.96 -4.01
C GLN B 365 -32.71 31.82 -3.14
N ARG B 366 -33.45 30.74 -3.34
CA ARG B 366 -34.60 30.42 -2.50
C ARG B 366 -34.24 30.38 -1.01
N LEU B 367 -33.14 29.72 -0.67
CA LEU B 367 -32.69 29.67 0.72
C LEU B 367 -32.36 31.07 1.20
N PHE B 368 -31.61 31.82 0.40
CA PHE B 368 -31.24 33.19 0.75
C PHE B 368 -32.46 34.06 1.10
N GLU B 369 -33.57 33.82 0.41
CA GLU B 369 -34.82 34.52 0.67
C GLU B 369 -35.36 34.13 2.02
N ASN B 370 -35.34 32.83 2.30
CA ASN B 370 -35.78 32.30 3.59
C ASN B 370 -34.91 32.89 4.71
N LEU B 371 -33.61 33.01 4.47
CA LEU B 371 -32.73 33.53 5.52
C LEU B 371 -32.95 35.00 5.82
N ARG B 372 -33.37 35.76 4.81
CA ARG B 372 -33.61 37.20 4.98
C ARG B 372 -34.82 37.48 5.89
N MET B 373 -35.66 36.46 6.06
CA MET B 373 -36.84 36.55 6.92
C MET B 373 -36.51 36.50 8.42
N LEU B 374 -35.26 36.18 8.76
CA LEU B 374 -34.86 36.22 10.17
C LEU B 374 -34.80 37.64 10.73
N PRO B 375 -35.23 37.82 12.00
CA PRO B 375 -35.00 39.08 12.71
C PRO B 375 -33.53 39.27 13.06
N LYS C 9 -9.85 14.24 -41.08
CA LYS C 9 -10.04 12.81 -40.65
C LYS C 9 -10.16 12.68 -39.13
N LYS C 10 -9.06 12.91 -38.42
CA LYS C 10 -9.04 12.80 -36.96
C LYS C 10 -8.42 14.03 -36.31
N LYS C 11 -8.92 14.34 -35.10
CA LYS C 11 -8.47 15.47 -34.32
C LYS C 11 -7.20 15.12 -33.51
N VAL C 12 -6.22 16.01 -33.60
CA VAL C 12 -4.95 15.84 -32.92
C VAL C 12 -4.71 17.10 -32.10
N CYS C 13 -4.60 16.95 -30.79
CA CYS C 13 -4.21 18.06 -29.93
C CYS C 13 -2.75 17.87 -29.54
N TYR C 14 -2.04 18.98 -29.45
CA TYR C 14 -0.60 18.96 -29.30
C TYR C 14 -0.20 19.87 -28.14
N TYR C 15 0.74 19.42 -27.32
CA TYR C 15 1.10 20.15 -26.11
C TYR C 15 2.57 20.54 -26.10
N TYR C 16 2.82 21.83 -26.01
CA TYR C 16 4.18 22.37 -26.04
C TYR C 16 4.27 23.62 -25.17
N ASP C 17 5.43 23.79 -24.52
CA ASP C 17 5.70 25.02 -23.79
C ASP C 17 7.05 25.58 -24.20
N GLY C 18 7.02 26.72 -24.90
CA GLY C 18 8.21 27.43 -25.34
C GLY C 18 9.44 27.16 -24.50
N ASP C 19 9.29 27.32 -23.18
CA ASP C 19 10.39 27.29 -22.23
C ASP C 19 11.06 25.91 -22.01
N ILE C 20 10.41 24.83 -22.45
CA ILE C 20 10.91 23.47 -22.25
C ILE C 20 12.34 23.27 -22.74
N GLY C 21 12.74 24.06 -23.74
CA GLY C 21 14.07 23.95 -24.36
C GLY C 21 15.19 24.63 -23.59
N ASN C 22 14.81 25.43 -22.58
CA ASN C 22 15.80 26.18 -21.80
C ASN C 22 16.43 25.38 -20.64
N TYR C 23 15.78 24.29 -20.21
CA TYR C 23 16.32 23.49 -19.10
C TYR C 23 17.56 22.72 -19.54
N TYR C 24 18.54 22.65 -18.66
CA TYR C 24 19.81 22.09 -19.02
C TYR C 24 20.33 21.14 -17.95
N TYR C 25 20.51 19.87 -18.33
CA TYR C 25 20.98 18.83 -17.41
C TYR C 25 22.42 19.02 -16.95
N GLY C 26 23.24 19.67 -17.77
CA GLY C 26 24.66 19.87 -17.45
C GLY C 26 25.60 19.55 -18.59
N GLN C 27 26.90 19.77 -18.36
CA GLN C 27 27.90 19.62 -19.40
C GLN C 27 28.29 18.16 -19.55
N GLY C 28 27.99 17.60 -20.73
CA GLY C 28 28.33 16.21 -21.02
C GLY C 28 27.10 15.31 -21.03
N HIS C 29 26.08 15.71 -20.29
CA HIS C 29 24.87 14.92 -20.16
C HIS C 29 24.17 14.78 -21.52
N PRO C 30 23.69 13.57 -21.85
CA PRO C 30 23.09 13.30 -23.15
C PRO C 30 21.64 13.79 -23.29
N MET C 31 20.89 13.84 -22.19
CA MET C 31 19.51 14.30 -22.28
C MET C 31 19.48 15.80 -22.50
N LYS C 32 18.90 16.22 -23.61
CA LYS C 32 18.85 17.63 -23.96
C LYS C 32 17.41 18.00 -24.34
N PRO C 33 16.67 18.63 -23.40
CA PRO C 33 15.31 19.12 -23.63
C PRO C 33 15.17 20.01 -24.85
N HIS C 34 16.29 20.54 -25.34
CA HIS C 34 16.30 21.33 -26.56
C HIS C 34 15.77 20.54 -27.77
N ARG C 35 15.91 19.21 -27.75
CA ARG C 35 15.35 18.37 -28.82
C ARG C 35 13.84 18.61 -29.01
N ILE C 36 13.17 19.06 -27.95
CA ILE C 36 11.74 19.32 -28.03
C ILE C 36 11.44 20.61 -28.79
N ARG C 37 12.28 21.65 -28.57
CA ARG C 37 12.20 22.88 -29.34
C ARG C 37 12.45 22.59 -30.83
N MET C 38 13.62 22.02 -31.12
CA MET C 38 13.95 21.49 -32.44
C MET C 38 12.80 20.75 -33.13
N THR C 39 12.22 19.77 -32.44
CA THR C 39 11.09 19.01 -32.98
C THR C 39 10.00 19.99 -33.36
N HIS C 40 9.67 20.86 -32.41
CA HIS C 40 8.52 21.74 -32.53
C HIS C 40 8.68 22.73 -33.68
N ASN C 41 9.88 23.31 -33.79
CA ASN C 41 10.18 24.21 -34.88
C ASN C 41 10.09 23.51 -36.24
N LEU C 42 10.74 22.36 -36.34
CA LEU C 42 10.67 21.55 -37.55
C LEU C 42 9.22 21.30 -38.01
N LEU C 43 8.34 20.93 -37.08
CA LEU C 43 6.96 20.63 -37.46
C LEU C 43 6.14 21.89 -37.72
N LEU C 44 6.55 23.01 -37.16
CA LEU C 44 5.90 24.30 -37.43
C LEU C 44 6.07 24.67 -38.91
N ASN C 45 7.31 24.53 -39.38
CA ASN C 45 7.69 24.88 -40.74
C ASN C 45 7.23 23.91 -41.80
N TYR C 46 6.99 22.66 -41.42
CA TYR C 46 6.41 21.68 -42.33
C TYR C 46 4.94 22.00 -42.56
N GLY C 47 4.40 22.92 -41.75
CA GLY C 47 3.02 23.39 -41.90
C GLY C 47 2.02 22.66 -41.04
N LEU C 48 2.53 21.77 -40.18
CA LEU C 48 1.68 20.85 -39.43
C LEU C 48 0.80 21.50 -38.36
N TYR C 49 1.17 22.72 -37.95
CA TYR C 49 0.39 23.51 -36.99
C TYR C 49 -0.99 23.91 -37.50
N ARG C 50 -1.17 23.91 -38.82
CA ARG C 50 -2.43 24.35 -39.42
C ARG C 50 -3.52 23.27 -39.35
N LYS C 51 -3.11 22.03 -39.19
CA LYS C 51 -4.06 20.90 -39.18
C LYS C 51 -4.36 20.32 -37.79
N MET C 52 -3.79 20.94 -36.74
CA MET C 52 -3.96 20.45 -35.37
C MET C 52 -4.04 21.59 -34.36
N GLU C 53 -4.66 21.33 -33.21
CA GLU C 53 -4.76 22.34 -32.15
C GLU C 53 -3.57 22.27 -31.17
N ILE C 54 -2.99 23.44 -30.90
CA ILE C 54 -1.77 23.55 -30.11
C ILE C 54 -2.04 24.27 -28.79
N TYR C 55 -1.79 23.58 -27.67
CA TYR C 55 -2.05 24.13 -26.34
C TYR C 55 -0.79 24.33 -25.52
N ARG C 56 -0.77 25.40 -24.72
CA ARG C 56 0.25 25.54 -23.68
C ARG C 56 -0.28 24.85 -22.41
N PRO C 57 0.38 23.76 -21.97
CA PRO C 57 -0.13 23.02 -20.83
C PRO C 57 0.11 23.76 -19.53
N HIS C 58 -0.83 23.67 -18.60
CA HIS C 58 -0.59 24.14 -17.23
C HIS C 58 0.51 23.29 -16.57
N LYS C 59 1.32 23.93 -15.73
CA LYS C 59 2.25 23.20 -14.88
C LYS C 59 1.45 22.25 -13.97
N ALA C 60 1.95 21.04 -13.76
CA ALA C 60 1.30 20.12 -12.84
C ALA C 60 1.70 20.48 -11.41
N THR C 61 0.76 20.42 -10.48
CA THR C 61 1.03 20.82 -9.10
C THR C 61 1.77 19.72 -8.37
N ALA C 62 2.52 20.08 -7.33
CA ALA C 62 3.15 19.10 -6.47
C ALA C 62 2.13 18.12 -5.89
N GLU C 63 0.92 18.62 -5.60
CA GLU C 63 -0.18 17.81 -5.09
C GLU C 63 -0.52 16.73 -6.10
N GLU C 64 -0.91 17.14 -7.31
CA GLU C 64 -1.23 16.20 -8.39
C GLU C 64 -0.18 15.09 -8.49
N MET C 65 1.09 15.46 -8.54
CA MET C 65 2.18 14.49 -8.60
C MET C 65 2.16 13.44 -7.49
N THR C 66 1.62 13.82 -6.32
CA THR C 66 1.57 12.91 -5.19
C THR C 66 0.43 11.90 -5.31
N LYS C 67 -0.28 11.93 -6.45
CA LYS C 67 -1.22 10.86 -6.76
C LYS C 67 -0.46 9.56 -7.02
N TYR C 68 0.82 9.68 -7.34
CA TYR C 68 1.67 8.52 -7.48
C TYR C 68 2.90 8.59 -6.57
N HIS C 69 3.67 9.66 -6.74
CA HIS C 69 4.91 9.83 -6.01
C HIS C 69 4.68 10.07 -4.53
N SER C 70 5.68 9.73 -3.72
CA SER C 70 5.61 9.99 -2.30
C SER C 70 5.81 11.48 -2.03
N ASP C 71 5.18 11.97 -0.96
CA ASP C 71 5.30 13.35 -0.52
C ASP C 71 6.76 13.73 -0.32
N GLU C 72 7.47 12.97 0.52
CA GLU C 72 8.91 13.15 0.79
C GLU C 72 9.71 13.35 -0.50
N TYR C 73 9.46 12.53 -1.53
CA TYR C 73 10.16 12.64 -2.82
C TYR C 73 9.79 13.91 -3.61
N ILE C 74 8.51 14.23 -3.70
CA ILE C 74 8.11 15.47 -4.38
C ILE C 74 8.58 16.69 -3.61
N LYS C 75 8.46 16.65 -2.28
CA LYS C 75 8.99 17.71 -1.43
C LYS C 75 10.44 17.97 -1.80
N PHE C 76 11.21 16.88 -1.87
CA PHE C 76 12.63 16.92 -2.17
C PHE C 76 12.90 17.53 -3.54
N LEU C 77 12.14 17.11 -4.54
CA LEU C 77 12.31 17.67 -5.88
C LEU C 77 12.10 19.18 -5.88
N ARG C 78 11.16 19.65 -5.05
CA ARG C 78 10.80 21.07 -4.89
C ARG C 78 11.87 21.92 -4.19
N SER C 79 12.81 21.28 -3.52
CA SER C 79 13.69 21.99 -2.60
C SER C 79 15.17 21.90 -2.96
N ILE C 80 15.53 20.90 -3.76
CA ILE C 80 16.91 20.71 -4.15
C ILE C 80 17.30 21.76 -5.18
N ARG C 81 18.41 22.43 -4.87
CA ARG C 81 19.03 23.43 -5.74
C ARG C 81 20.51 23.04 -5.94
N PRO C 82 21.12 23.46 -7.06
CA PRO C 82 22.53 23.13 -7.28
C PRO C 82 23.45 23.61 -6.17
N ASP C 83 23.03 24.67 -5.45
CA ASP C 83 23.88 25.28 -4.44
C ASP C 83 23.61 24.84 -3.01
N ASN C 84 22.64 23.95 -2.82
CA ASN C 84 22.28 23.47 -1.48
C ASN C 84 22.33 21.95 -1.31
N MET C 85 22.81 21.24 -2.36
CA MET C 85 22.87 19.78 -2.39
C MET C 85 23.56 19.14 -1.20
N SER C 86 24.66 19.76 -0.76
CA SER C 86 25.45 19.29 0.38
C SER C 86 24.67 19.24 1.69
N GLU C 87 23.54 19.96 1.76
CA GLU C 87 22.63 19.87 2.89
C GLU C 87 21.63 18.72 2.72
N TYR C 88 21.61 18.12 1.53
CA TYR C 88 20.63 17.09 1.15
C TYR C 88 21.26 15.80 0.65
N SER C 89 22.45 15.45 1.12
CA SER C 89 23.21 14.31 0.57
C SER C 89 22.60 12.94 0.84
N LYS C 90 21.80 12.84 1.89
CA LYS C 90 21.18 11.58 2.27
C LYS C 90 19.86 11.34 1.53
N GLN C 91 19.12 12.41 1.28
CA GLN C 91 17.91 12.34 0.45
C GLN C 91 18.32 12.08 -1.01
N MET C 92 19.46 12.63 -1.42
CA MET C 92 20.00 12.41 -2.75
C MET C 92 20.20 10.93 -3.01
N GLN C 93 20.74 10.23 -2.01
CA GLN C 93 20.98 8.79 -2.11
C GLN C 93 19.66 8.02 -1.98
N ARG C 94 18.75 8.52 -1.16
CA ARG C 94 17.44 7.90 -0.97
C ARG C 94 16.63 7.91 -2.25
N PHE C 95 16.79 8.97 -3.04
CA PHE C 95 15.94 9.22 -4.19
C PHE C 95 16.71 9.15 -5.50
N ASN C 96 17.96 8.68 -5.40
CA ASN C 96 18.89 8.48 -6.53
C ASN C 96 19.06 9.72 -7.41
N VAL C 97 19.28 10.87 -6.77
CA VAL C 97 19.46 12.13 -7.49
C VAL C 97 20.89 12.66 -7.24
N GLY C 98 21.52 13.18 -8.29
CA GLY C 98 22.87 13.74 -8.20
C GLY C 98 23.90 13.22 -9.20
N GLU C 99 23.73 11.96 -9.61
CA GLU C 99 24.63 11.31 -10.55
C GLU C 99 24.01 11.29 -11.94
N ASP C 100 23.55 10.12 -12.39
CA ASP C 100 22.83 9.96 -13.67
C ASP C 100 21.63 10.91 -13.80
N CYS C 101 20.99 11.21 -12.66
CA CYS C 101 19.82 12.08 -12.61
C CYS C 101 20.19 13.38 -11.89
N PRO C 102 20.81 14.34 -12.61
CA PRO C 102 21.45 15.49 -11.99
C PRO C 102 20.46 16.52 -11.43
N VAL C 103 20.95 17.32 -10.48
CA VAL C 103 20.24 18.52 -10.05
C VAL C 103 20.61 19.65 -11.00
N PHE C 104 19.61 20.39 -11.45
CA PHE C 104 19.84 21.58 -12.26
C PHE C 104 18.80 22.65 -11.96
N ASP C 105 19.10 23.90 -12.35
CA ASP C 105 18.20 25.02 -12.14
C ASP C 105 16.87 24.65 -12.74
N GLY C 106 15.81 24.78 -11.94
CA GLY C 106 14.44 24.63 -12.43
C GLY C 106 14.02 23.19 -12.71
N LEU C 107 14.81 22.24 -12.19
CA LEU C 107 14.46 20.82 -12.27
C LEU C 107 12.96 20.61 -12.03
N PHE C 108 12.42 21.22 -10.97
CA PHE C 108 11.01 21.02 -10.62
C PHE C 108 10.00 21.61 -11.60
N GLU C 109 10.28 22.80 -12.12
CA GLU C 109 9.38 23.40 -13.08
C GLU C 109 9.41 22.57 -14.38
N PHE C 110 10.59 22.05 -14.70
CA PHE C 110 10.75 21.08 -15.80
C PHE C 110 9.76 19.92 -15.69
N CYS C 111 9.81 19.19 -14.57
CA CYS C 111 8.85 18.13 -14.28
C CYS C 111 7.42 18.59 -14.41
N GLN C 112 7.10 19.77 -13.86
CA GLN C 112 5.75 20.32 -13.98
C GLN C 112 5.30 20.44 -15.42
N LEU C 113 6.19 20.94 -16.28
CA LEU C 113 5.84 21.19 -17.67
C LEU C 113 5.68 19.89 -18.43
N SER C 114 6.62 18.98 -18.19
CA SER C 114 6.54 17.65 -18.78
C SER C 114 5.25 16.93 -18.40
N THR C 115 4.92 16.97 -17.11
CA THR C 115 3.74 16.28 -16.60
C THR C 115 2.45 17.02 -16.94
N GLY C 116 2.49 18.36 -16.87
CA GLY C 116 1.36 19.16 -17.33
C GLY C 116 0.81 18.64 -18.65
N GLY C 117 1.72 18.41 -19.60
CA GLY C 117 1.40 17.94 -20.95
C GLY C 117 0.62 16.65 -20.99
N SER C 118 1.14 15.61 -20.34
CA SER C 118 0.52 14.28 -20.36
C SER C 118 -0.87 14.27 -19.74
N VAL C 119 -0.99 14.83 -18.54
CA VAL C 119 -2.28 14.92 -17.83
C VAL C 119 -3.34 15.70 -18.64
N ALA C 120 -2.93 16.83 -19.23
CA ALA C 120 -3.82 17.64 -20.06
C ALA C 120 -4.28 16.88 -21.30
N GLY C 121 -3.37 16.12 -21.90
CA GLY C 121 -3.73 15.25 -23.00
C GLY C 121 -4.82 14.30 -22.56
N ALA C 122 -4.53 13.54 -21.52
CA ALA C 122 -5.46 12.57 -20.95
C ALA C 122 -6.81 13.19 -20.60
N VAL C 123 -6.79 14.36 -19.96
CA VAL C 123 -8.02 15.07 -19.63
C VAL C 123 -8.80 15.29 -20.92
N LYS C 124 -8.11 15.83 -21.92
CA LYS C 124 -8.72 16.17 -23.20
C LYS C 124 -9.32 14.92 -23.87
N LEU C 125 -8.57 13.82 -23.79
CA LEU C 125 -9.04 12.54 -24.31
C LEU C 125 -10.28 12.04 -23.57
N ASN C 126 -10.23 12.06 -22.23
CA ASN C 126 -11.36 11.66 -21.39
C ASN C 126 -12.63 12.41 -21.75
N ARG C 127 -12.50 13.73 -21.95
CA ARG C 127 -13.61 14.63 -22.29
C ARG C 127 -14.20 14.38 -23.69
N GLN C 128 -13.49 13.59 -24.50
CA GLN C 128 -13.88 13.31 -25.89
C GLN C 128 -13.89 14.60 -26.72
N GLN C 129 -12.88 15.42 -26.49
CA GLN C 129 -12.69 16.67 -27.22
C GLN C 129 -11.50 16.54 -28.18
N THR C 130 -10.98 15.32 -28.29
CA THR C 130 -9.96 14.97 -29.30
C THR C 130 -9.93 13.47 -29.53
N ASP C 131 -9.25 13.05 -30.58
CA ASP C 131 -9.03 11.62 -30.83
C ASP C 131 -7.60 11.26 -30.47
N MET C 132 -6.71 12.25 -30.56
CA MET C 132 -5.30 12.07 -30.31
C MET C 132 -4.75 13.25 -29.54
N ALA C 133 -3.93 12.94 -28.52
CA ALA C 133 -3.18 13.96 -27.80
C ALA C 133 -1.70 13.66 -27.89
N VAL C 134 -0.90 14.70 -28.11
CA VAL C 134 0.54 14.56 -28.27
C VAL C 134 1.34 15.40 -27.24
N ASN C 135 2.44 14.84 -26.74
CA ASN C 135 3.28 15.51 -25.73
C ASN C 135 4.72 14.97 -25.73
N TRP C 136 5.57 15.55 -26.58
CA TRP C 136 6.95 15.07 -26.76
C TRP C 136 7.87 15.36 -25.58
N ALA C 137 7.39 16.10 -24.60
CA ALA C 137 8.22 16.42 -23.45
C ALA C 137 8.01 15.40 -22.34
N GLY C 138 6.88 14.70 -22.40
CA GLY C 138 6.59 13.57 -21.49
C GLY C 138 7.16 12.24 -21.97
N GLY C 139 6.65 11.15 -21.40
CA GLY C 139 7.13 9.81 -21.75
C GLY C 139 8.27 9.31 -20.88
N LEU C 140 8.34 9.82 -19.64
CA LEU C 140 9.50 9.59 -18.77
C LEU C 140 9.38 8.33 -17.89
N HIS C 141 9.39 7.18 -18.56
CA HIS C 141 9.01 5.89 -18.00
C HIS C 141 9.83 5.26 -16.87
N HIS C 142 11.00 5.81 -16.53
CA HIS C 142 11.86 5.18 -15.49
C HIS C 142 11.64 5.68 -14.08
N ALA C 143 10.89 6.77 -13.95
CA ALA C 143 10.70 7.38 -12.65
C ALA C 143 9.87 6.45 -11.78
N LYS C 144 10.39 6.13 -10.61
CA LYS C 144 9.65 5.28 -9.67
C LYS C 144 8.96 6.12 -8.57
N LYS C 145 8.39 5.47 -7.58
CA LYS C 145 7.52 6.16 -6.63
C LYS C 145 8.25 7.21 -5.79
N SER C 146 9.45 6.87 -5.37
CA SER C 146 10.31 7.80 -4.66
C SER C 146 11.75 7.57 -5.11
N GLU C 147 11.96 7.70 -6.41
CA GLU C 147 13.24 7.40 -7.03
C GLU C 147 13.28 7.96 -8.44
N ALA C 148 14.24 8.84 -8.68
CA ALA C 148 14.61 9.22 -10.04
C ALA C 148 15.46 8.10 -10.64
N SER C 149 15.42 8.00 -11.97
CA SER C 149 16.05 6.89 -12.67
C SER C 149 16.11 7.19 -14.16
N GLY C 150 17.20 6.76 -14.82
CA GLY C 150 17.38 6.86 -16.27
C GLY C 150 17.01 8.21 -16.84
N PHE C 151 17.36 9.26 -16.12
CA PHE C 151 17.12 10.66 -16.53
C PHE C 151 15.68 11.15 -16.30
N CYS C 152 14.82 10.29 -15.75
CA CYS C 152 13.43 10.61 -15.43
C CYS C 152 13.25 10.86 -13.94
N TYR C 153 12.39 11.81 -13.59
CA TYR C 153 12.20 12.19 -12.19
C TYR C 153 10.75 12.02 -11.76
N VAL C 154 9.83 12.44 -12.62
CA VAL C 154 8.42 12.31 -12.34
C VAL C 154 7.80 11.52 -13.48
N ASN C 155 6.99 10.52 -13.14
CA ASN C 155 6.42 9.68 -14.17
C ASN C 155 5.10 10.26 -14.66
N ASP C 156 5.19 11.15 -15.64
CA ASP C 156 4.02 11.76 -16.30
C ASP C 156 3.09 10.69 -16.87
N ILE C 157 3.67 9.61 -17.38
CA ILE C 157 2.89 8.51 -17.93
C ILE C 157 1.92 7.93 -16.89
N VAL C 158 2.48 7.40 -15.79
CA VAL C 158 1.67 6.79 -14.74
C VAL C 158 0.56 7.76 -14.34
N LEU C 159 0.93 9.02 -14.15
CA LEU C 159 -0.01 10.03 -13.69
C LEU C 159 -1.09 10.34 -14.75
N ALA C 160 -0.69 10.29 -16.01
CA ALA C 160 -1.61 10.48 -17.12
C ALA C 160 -2.47 9.25 -17.31
N ILE C 161 -1.91 8.07 -17.04
CA ILE C 161 -2.73 6.86 -17.07
C ILE C 161 -3.73 6.87 -15.90
N LEU C 162 -3.30 7.35 -14.74
CA LEU C 162 -4.21 7.43 -13.58
C LEU C 162 -5.44 8.20 -13.99
N GLU C 163 -5.22 9.40 -14.54
CA GLU C 163 -6.27 10.22 -15.11
C GLU C 163 -7.13 9.44 -16.11
N LEU C 164 -6.51 8.72 -17.04
CA LEU C 164 -7.29 8.00 -18.06
C LEU C 164 -8.26 7.03 -17.40
N LEU C 165 -7.77 6.35 -16.38
CA LEU C 165 -8.54 5.35 -15.65
C LEU C 165 -9.84 5.84 -14.98
N LYS C 166 -9.99 7.14 -14.81
CA LYS C 166 -11.27 7.71 -14.36
C LYS C 166 -12.41 7.51 -15.38
N TYR C 167 -12.06 7.35 -16.66
CA TYR C 167 -13.08 7.25 -17.71
C TYR C 167 -12.98 5.92 -18.45
N HIS C 168 -11.84 5.25 -18.32
CA HIS C 168 -11.56 4.03 -19.07
C HIS C 168 -11.30 2.84 -18.16
N GLN C 169 -12.01 1.74 -18.41
CA GLN C 169 -11.86 0.51 -17.60
C GLN C 169 -10.52 -0.17 -17.85
N ARG C 170 -10.16 -0.30 -19.12
CA ARG C 170 -8.87 -0.85 -19.53
C ARG C 170 -8.09 0.18 -20.32
N VAL C 171 -6.85 0.40 -19.91
CA VAL C 171 -5.92 1.25 -20.65
C VAL C 171 -4.71 0.40 -21.04
N LEU C 172 -4.23 0.61 -22.26
CA LEU C 172 -3.09 -0.10 -22.79
C LEU C 172 -1.89 0.82 -23.02
N TYR C 173 -0.75 0.43 -22.46
CA TYR C 173 0.50 1.18 -22.60
C TYR C 173 1.47 0.40 -23.50
N ILE C 174 1.94 1.04 -24.57
CA ILE C 174 2.99 0.45 -25.39
C ILE C 174 4.22 1.34 -25.31
N ASP C 175 5.38 0.72 -25.10
CA ASP C 175 6.65 1.42 -24.92
C ASP C 175 7.69 0.97 -25.95
N ILE C 176 7.89 1.77 -27.01
CA ILE C 176 8.86 1.41 -28.07
C ILE C 176 10.26 2.01 -27.86
N ASP C 177 10.46 2.60 -26.68
CA ASP C 177 11.74 3.12 -26.23
C ASP C 177 12.73 1.95 -26.21
N ILE C 178 13.98 2.18 -26.57
CA ILE C 178 14.97 1.11 -26.50
C ILE C 178 15.07 0.54 -25.08
N HIS C 179 14.66 1.34 -24.10
CA HIS C 179 14.71 0.88 -22.71
C HIS C 179 13.36 0.35 -22.21
N HIS C 180 13.45 -0.60 -21.30
CA HIS C 180 12.28 -1.17 -20.65
C HIS C 180 11.54 -0.10 -19.82
N GLY C 181 10.23 0.02 -20.03
CA GLY C 181 9.43 0.99 -19.29
C GLY C 181 9.09 0.47 -17.91
N ASP C 182 10.13 0.29 -17.09
CA ASP C 182 10.02 -0.33 -15.77
C ASP C 182 9.21 0.50 -14.76
N GLY C 183 9.29 1.82 -14.87
CA GLY C 183 8.53 2.71 -13.99
C GLY C 183 7.03 2.53 -14.16
N VAL C 184 6.58 2.36 -15.39
CA VAL C 184 5.15 2.25 -15.68
C VAL C 184 4.64 0.84 -15.44
N GLU C 185 5.45 -0.15 -15.82
CA GLU C 185 5.09 -1.54 -15.61
C GLU C 185 4.87 -1.76 -14.12
N GLU C 186 5.77 -1.19 -13.32
CA GLU C 186 5.80 -1.36 -11.86
C GLU C 186 4.59 -0.74 -11.19
N ALA C 187 4.28 0.51 -11.53
CA ALA C 187 3.06 1.13 -11.03
C ALA C 187 1.85 0.21 -11.23
N PHE C 188 1.76 -0.42 -12.40
CA PHE C 188 0.55 -1.16 -12.78
C PHE C 188 0.70 -2.70 -12.72
N TYR C 189 1.73 -3.11 -11.97
CA TYR C 189 2.20 -4.48 -12.01
C TYR C 189 1.19 -5.48 -11.47
N THR C 190 0.35 -5.05 -10.54
CA THR C 190 -0.58 -5.98 -9.92
C THR C 190 -2.03 -5.77 -10.34
N THR C 191 -2.20 -4.97 -11.39
CA THR C 191 -3.51 -4.71 -11.98
C THR C 191 -3.63 -5.09 -13.48
N ASP C 192 -4.89 -5.45 -13.79
CA ASP C 192 -5.37 -5.81 -15.11
C ASP C 192 -6.15 -4.66 -15.75
N ARG C 193 -6.26 -3.55 -15.04
CA ARG C 193 -6.87 -2.34 -15.60
C ARG C 193 -5.88 -1.57 -16.50
N VAL C 194 -4.60 -1.86 -16.34
CA VAL C 194 -3.60 -1.42 -17.32
C VAL C 194 -2.74 -2.58 -17.79
N MET C 195 -2.72 -2.81 -19.10
CA MET C 195 -1.72 -3.67 -19.72
C MET C 195 -0.54 -2.86 -20.26
N THR C 196 0.66 -3.23 -19.80
CA THR C 196 1.91 -2.62 -20.26
C THR C 196 2.61 -3.57 -21.25
N VAL C 197 3.05 -3.03 -22.38
CA VAL C 197 3.81 -3.80 -23.37
C VAL C 197 5.12 -3.09 -23.66
N SER C 198 6.24 -3.76 -23.40
CA SER C 198 7.53 -3.15 -23.68
C SER C 198 8.42 -3.97 -24.60
N PHE C 199 8.84 -3.30 -25.67
CA PHE C 199 9.85 -3.80 -26.57
C PHE C 199 11.13 -3.06 -26.21
N HIS C 200 12.21 -3.82 -25.99
CA HIS C 200 13.41 -3.21 -25.45
C HIS C 200 14.66 -4.11 -25.51
N LYS C 201 15.82 -3.47 -25.63
CA LYS C 201 17.10 -4.15 -25.43
C LYS C 201 17.18 -4.70 -24.01
N TYR C 202 17.49 -5.99 -23.91
CA TYR C 202 17.65 -6.65 -22.62
C TYR C 202 18.96 -7.41 -22.60
N GLY C 203 19.66 -7.35 -21.47
CA GLY C 203 20.95 -8.02 -21.31
C GLY C 203 22.12 -7.05 -21.21
N GLU C 204 22.66 -6.89 -20.00
CA GLU C 204 23.79 -5.99 -19.76
C GLU C 204 23.50 -4.58 -20.26
N TYR C 205 22.36 -4.04 -19.82
CA TYR C 205 21.83 -2.78 -20.31
C TYR C 205 20.79 -2.22 -19.33
N PHE C 206 20.77 -0.89 -19.22
CA PHE C 206 19.83 -0.20 -18.36
C PHE C 206 18.39 -0.55 -18.75
N PRO C 207 17.49 -0.73 -17.77
CA PRO C 207 17.80 -0.74 -16.34
C PRO C 207 17.98 -2.15 -15.78
N GLY C 208 18.08 -3.15 -16.66
CA GLY C 208 18.31 -4.54 -16.25
C GLY C 208 17.06 -5.37 -15.95
N THR C 209 15.90 -4.84 -16.31
CA THR C 209 14.64 -5.54 -16.12
C THR C 209 13.97 -5.65 -17.48
N GLY C 210 12.79 -6.26 -17.52
CA GLY C 210 12.07 -6.48 -18.78
C GLY C 210 12.39 -7.83 -19.35
N ASP C 211 12.48 -8.80 -18.44
CA ASP C 211 12.71 -10.22 -18.67
C ASP C 211 11.48 -10.81 -19.31
N LEU C 212 11.68 -11.79 -20.19
CA LEU C 212 10.60 -12.57 -20.80
C LEU C 212 9.63 -13.13 -19.75
N ARG C 213 10.17 -13.50 -18.60
CA ARG C 213 9.34 -14.08 -17.53
C ARG C 213 8.55 -13.02 -16.73
N ASP C 214 8.92 -11.74 -16.85
CA ASP C 214 8.19 -10.64 -16.18
C ASP C 214 6.81 -10.42 -16.82
N ILE C 215 5.77 -10.99 -16.20
CA ILE C 215 4.43 -11.01 -16.77
C ILE C 215 3.36 -10.41 -15.84
N GLY C 216 3.75 -9.95 -14.65
CA GLY C 216 2.81 -9.40 -13.69
C GLY C 216 2.58 -10.29 -12.48
N ALA C 217 1.86 -9.77 -11.49
CA ALA C 217 1.48 -10.56 -10.31
C ALA C 217 0.03 -10.26 -9.97
N GLY C 218 -0.57 -11.11 -9.14
CA GLY C 218 -1.95 -10.96 -8.70
C GLY C 218 -2.89 -10.84 -9.88
N LYS C 219 -3.87 -9.95 -9.76
CA LYS C 219 -4.85 -9.74 -10.83
C LYS C 219 -4.16 -9.36 -12.14
N GLY C 220 -2.94 -8.87 -12.03
CA GLY C 220 -2.19 -8.43 -13.19
C GLY C 220 -1.30 -9.48 -13.83
N LYS C 221 -1.30 -10.70 -13.29
CA LYS C 221 -0.56 -11.81 -13.90
C LYS C 221 -1.03 -11.92 -15.35
N TYR C 222 -0.08 -11.76 -16.28
CA TYR C 222 -0.34 -11.68 -17.73
C TYR C 222 -0.78 -10.30 -18.27
N TYR C 223 -0.76 -9.26 -17.44
CA TYR C 223 -1.11 -7.90 -17.87
C TYR C 223 0.09 -6.95 -17.84
N ALA C 224 1.25 -7.61 -18.04
CA ALA C 224 2.56 -7.02 -18.28
C ALA C 224 3.29 -7.91 -19.32
N VAL C 225 3.77 -7.30 -20.41
CA VAL C 225 4.32 -8.01 -21.56
C VAL C 225 5.66 -7.39 -21.93
N ASN C 226 6.65 -8.23 -22.10
CA ASN C 226 7.99 -7.76 -22.38
C ASN C 226 8.59 -8.52 -23.56
N PHE C 227 9.04 -7.79 -24.57
CA PHE C 227 9.82 -8.36 -25.66
C PHE C 227 11.30 -7.94 -25.57
N PRO C 228 12.12 -8.71 -24.83
CA PRO C 228 13.55 -8.42 -24.75
C PRO C 228 14.29 -8.69 -26.09
N MET C 229 15.16 -7.78 -26.50
CA MET C 229 15.86 -7.87 -27.78
C MET C 229 17.38 -7.69 -27.63
N ARG C 230 18.14 -8.27 -28.56
CA ARG C 230 19.57 -8.03 -28.63
C ARG C 230 19.88 -6.81 -29.53
N ASP C 231 21.15 -6.46 -29.66
CA ASP C 231 21.57 -5.36 -30.55
C ASP C 231 21.15 -5.60 -31.99
N GLY C 232 20.92 -4.51 -32.71
CA GLY C 232 20.90 -4.55 -34.17
C GLY C 232 19.58 -4.76 -34.86
N ILE C 233 18.51 -4.89 -34.10
CA ILE C 233 17.20 -5.16 -34.72
C ILE C 233 16.92 -4.06 -35.74
N ASP C 234 16.25 -4.42 -36.82
CA ASP C 234 16.02 -3.47 -37.90
C ASP C 234 14.56 -3.35 -38.29
N ASP C 235 14.25 -2.35 -39.12
CA ASP C 235 12.88 -2.07 -39.61
C ASP C 235 11.98 -3.27 -39.86
N GLU C 236 12.55 -4.31 -40.47
CA GLU C 236 11.76 -5.49 -40.88
C GLU C 236 11.56 -6.51 -39.77
N SER C 237 12.58 -6.72 -38.94
CA SER C 237 12.49 -7.63 -37.79
C SER C 237 11.49 -7.09 -36.79
N TYR C 238 11.65 -5.81 -36.45
CA TYR C 238 10.76 -5.09 -35.54
C TYR C 238 9.32 -5.14 -36.04
N GLY C 239 9.08 -4.60 -37.24
CA GLY C 239 7.75 -4.55 -37.82
C GLY C 239 7.05 -5.90 -37.84
N GLN C 240 7.82 -6.97 -38.03
CA GLN C 240 7.28 -8.31 -38.13
C GLN C 240 6.93 -8.92 -36.76
N ILE C 241 7.33 -8.27 -35.67
CA ILE C 241 6.88 -8.73 -34.35
C ILE C 241 5.88 -7.78 -33.70
N PHE C 242 6.11 -6.48 -33.84
CA PHE C 242 5.23 -5.46 -33.28
C PHE C 242 3.78 -5.65 -33.71
N LYS C 243 3.52 -5.69 -35.02
CA LYS C 243 2.13 -5.78 -35.51
C LYS C 243 1.38 -7.02 -35.01
N PRO C 244 1.94 -8.24 -35.20
CA PRO C 244 1.22 -9.41 -34.69
C PRO C 244 0.95 -9.34 -33.18
N ILE C 245 1.94 -8.88 -32.42
CA ILE C 245 1.84 -8.87 -30.96
C ILE C 245 0.80 -7.86 -30.50
N ILE C 246 0.85 -6.66 -31.08
CA ILE C 246 -0.08 -5.59 -30.77
C ILE C 246 -1.52 -5.93 -31.21
N SER C 247 -1.66 -6.54 -32.39
CA SER C 247 -2.95 -7.07 -32.85
C SER C 247 -3.50 -8.07 -31.86
N LYS C 248 -2.65 -9.01 -31.44
CA LYS C 248 -3.05 -10.04 -30.49
C LYS C 248 -3.39 -9.39 -29.14
N VAL C 249 -2.55 -8.45 -28.69
CA VAL C 249 -2.86 -7.70 -27.48
C VAL C 249 -4.26 -7.08 -27.57
N MET C 250 -4.51 -6.37 -28.67
CA MET C 250 -5.80 -5.69 -28.90
C MET C 250 -6.94 -6.69 -28.86
N GLU C 251 -6.84 -7.75 -29.66
CA GLU C 251 -7.84 -8.81 -29.63
C GLU C 251 -8.14 -9.29 -28.20
N MET C 252 -7.10 -9.64 -27.45
CA MET C 252 -7.24 -10.22 -26.11
C MET C 252 -7.63 -9.20 -25.02
N TYR C 253 -7.07 -7.99 -25.09
CA TYR C 253 -7.24 -7.02 -24.01
C TYR C 253 -8.39 -6.04 -24.17
N GLN C 254 -8.84 -5.86 -25.44
CA GLN C 254 -9.94 -4.93 -25.79
C GLN C 254 -9.90 -3.61 -25.02
N PRO C 255 -8.82 -2.82 -25.18
CA PRO C 255 -8.73 -1.59 -24.38
C PRO C 255 -9.61 -0.48 -24.95
N SER C 256 -9.92 0.52 -24.14
CA SER C 256 -10.69 1.67 -24.60
C SER C 256 -9.86 2.96 -24.69
N ALA C 257 -8.58 2.88 -24.33
CA ALA C 257 -7.60 3.97 -24.46
C ALA C 257 -6.18 3.44 -24.63
N VAL C 258 -5.33 4.22 -25.28
CA VAL C 258 -3.97 3.79 -25.57
C VAL C 258 -2.97 4.91 -25.31
N VAL C 259 -1.87 4.54 -24.67
CA VAL C 259 -0.74 5.44 -24.52
C VAL C 259 0.50 4.83 -25.18
N LEU C 260 1.13 5.59 -26.06
CA LEU C 260 2.28 5.15 -26.81
C LEU C 260 3.47 6.02 -26.51
N GLN C 261 4.42 5.46 -25.77
CA GLN C 261 5.68 6.10 -25.50
C GLN C 261 6.56 5.84 -26.73
N CYS C 262 6.88 6.90 -27.46
CA CYS C 262 7.57 6.81 -28.75
C CYS C 262 9.05 7.12 -28.60
N GLY C 263 9.63 6.66 -27.50
CA GLY C 263 11.03 6.88 -27.18
C GLY C 263 11.87 6.73 -28.43
N ALA C 264 12.57 7.80 -28.77
CA ALA C 264 13.31 7.87 -30.02
C ALA C 264 14.70 7.22 -30.00
N ASP C 265 15.20 6.85 -28.82
CA ASP C 265 16.51 6.17 -28.72
C ASP C 265 16.62 4.75 -29.32
N SER C 266 15.52 4.26 -29.89
CA SER C 266 15.52 2.97 -30.61
C SER C 266 15.95 3.16 -32.07
N LEU C 267 16.43 4.35 -32.38
CA LEU C 267 16.81 4.72 -33.73
C LEU C 267 18.25 4.36 -34.04
N SER C 268 18.47 3.94 -35.29
CA SER C 268 19.82 3.78 -35.83
C SER C 268 20.60 5.06 -35.56
N GLY C 269 21.80 4.91 -35.01
CA GLY C 269 22.70 6.05 -34.82
C GLY C 269 22.57 6.80 -33.51
N ASP C 270 21.62 6.37 -32.67
CA ASP C 270 21.45 6.93 -31.35
C ASP C 270 22.73 6.86 -30.51
N ARG C 271 23.14 8.01 -29.98
CA ARG C 271 24.28 8.14 -29.04
C ARG C 271 24.35 7.08 -27.95
N LEU C 272 23.19 6.62 -27.50
CA LEU C 272 23.11 5.65 -26.39
C LEU C 272 22.57 4.28 -26.81
N GLY C 273 21.63 4.28 -27.73
CA GLY C 273 21.01 3.04 -28.18
C GLY C 273 21.87 2.18 -29.08
N CYS C 274 21.39 0.96 -29.36
CA CYS C 274 22.05 0.02 -30.23
C CYS C 274 21.04 -0.75 -31.09
N PHE C 275 19.95 -0.09 -31.45
CA PHE C 275 19.03 -0.62 -32.46
C PHE C 275 19.37 -0.01 -33.81
N ASN C 276 18.63 -0.41 -34.83
CA ASN C 276 18.96 -0.05 -36.21
C ASN C 276 17.70 0.32 -36.99
N LEU C 277 16.76 0.96 -36.30
CA LEU C 277 15.50 1.37 -36.92
C LEU C 277 15.66 2.71 -37.63
N THR C 278 14.82 2.96 -38.62
CA THR C 278 14.75 4.27 -39.29
C THR C 278 13.50 5.00 -38.82
N VAL C 279 13.47 6.31 -39.00
CA VAL C 279 12.28 7.09 -38.68
C VAL C 279 11.02 6.39 -39.21
N LYS C 280 11.13 5.79 -40.39
CA LYS C 280 10.00 5.09 -41.03
C LYS C 280 9.63 3.80 -40.29
N GLY C 281 10.64 3.07 -39.82
CA GLY C 281 10.41 1.82 -39.11
C GLY C 281 9.81 2.09 -37.74
N HIS C 282 10.38 3.09 -37.07
CA HIS C 282 9.85 3.58 -35.80
C HIS C 282 8.39 3.97 -35.98
N ALA C 283 8.12 4.88 -36.91
CA ALA C 283 6.78 5.46 -37.08
C ALA C 283 5.71 4.43 -37.46
N LYS C 284 6.15 3.31 -38.02
CA LYS C 284 5.24 2.22 -38.38
C LYS C 284 4.45 1.77 -37.14
N CYS C 285 5.11 1.84 -35.97
CA CYS C 285 4.45 1.58 -34.70
C CYS C 285 3.29 2.54 -34.46
N VAL C 286 3.49 3.82 -34.70
CA VAL C 286 2.37 4.79 -34.66
C VAL C 286 1.23 4.40 -35.61
N GLU C 287 1.57 4.09 -36.87
CA GLU C 287 0.57 3.76 -37.88
C GLU C 287 -0.27 2.54 -37.47
N VAL C 288 0.43 1.47 -37.08
CA VAL C 288 -0.20 0.24 -36.61
C VAL C 288 -1.17 0.52 -35.46
N VAL C 289 -0.72 1.23 -34.43
CA VAL C 289 -1.60 1.55 -33.29
C VAL C 289 -2.81 2.35 -33.76
N LYS C 290 -2.56 3.38 -34.59
CA LYS C 290 -3.63 4.16 -35.20
C LYS C 290 -4.77 3.35 -35.83
N THR C 291 -4.47 2.21 -36.45
CA THR C 291 -5.51 1.41 -37.14
C THR C 291 -6.63 0.93 -36.23
N PHE C 292 -6.48 1.10 -34.93
CA PHE C 292 -7.47 0.57 -33.99
C PHE C 292 -8.55 1.60 -33.59
N ASN C 293 -8.32 2.85 -33.98
CA ASN C 293 -9.28 3.93 -33.80
C ASN C 293 -9.65 4.16 -32.34
N LEU C 294 -8.69 3.91 -31.45
CA LEU C 294 -8.90 4.12 -30.01
C LEU C 294 -8.31 5.46 -29.61
N PRO C 295 -8.92 6.14 -28.63
CA PRO C 295 -8.32 7.39 -28.12
C PRO C 295 -6.86 7.15 -27.81
N LEU C 296 -6.01 8.09 -28.20
CA LEU C 296 -4.56 7.85 -28.20
C LEU C 296 -3.75 9.01 -27.62
N LEU C 297 -2.84 8.67 -26.70
CA LEU C 297 -1.92 9.64 -26.09
C LEU C 297 -0.48 9.34 -26.51
N MET C 298 0.10 10.26 -27.28
CA MET C 298 1.43 10.06 -27.86
C MET C 298 2.49 10.86 -27.10
N LEU C 299 3.54 10.16 -26.69
CA LEU C 299 4.59 10.73 -25.84
C LEU C 299 6.00 10.52 -26.39
N GLY C 300 6.92 11.34 -25.92
CA GLY C 300 8.34 11.14 -26.20
C GLY C 300 9.00 10.16 -25.21
N GLY C 301 10.17 10.51 -24.71
CA GLY C 301 10.99 9.64 -23.86
C GLY C 301 12.46 9.83 -24.22
N GLY C 302 13.18 8.73 -24.45
CA GLY C 302 14.58 8.78 -24.88
C GLY C 302 14.81 9.25 -26.31
N GLY C 303 16.08 9.34 -26.69
CA GLY C 303 16.48 9.90 -27.99
C GLY C 303 17.62 10.86 -27.77
N TYR C 304 18.81 10.46 -28.17
CA TYR C 304 20.01 11.22 -27.79
C TYR C 304 20.88 11.67 -28.97
N THR C 305 20.49 11.29 -30.19
CA THR C 305 20.96 11.97 -31.42
C THR C 305 19.91 13.00 -31.83
N ILE C 306 20.14 14.23 -31.38
CA ILE C 306 19.11 15.28 -31.33
C ILE C 306 18.38 15.47 -32.65
N ARG C 307 19.13 15.51 -33.75
CA ARG C 307 18.57 15.71 -35.10
C ARG C 307 17.62 14.61 -35.55
N ASN C 308 17.92 13.36 -35.16
CA ASN C 308 17.06 12.24 -35.53
C ASN C 308 15.80 12.18 -34.66
N VAL C 309 15.93 12.63 -33.40
CA VAL C 309 14.78 12.82 -32.51
C VAL C 309 13.76 13.78 -33.16
N ALA C 310 14.28 14.91 -33.65
CA ALA C 310 13.47 15.94 -34.30
C ALA C 310 12.84 15.41 -35.57
N ARG C 311 13.64 14.72 -36.39
CA ARG C 311 13.13 14.10 -37.60
C ARG C 311 12.02 13.11 -37.22
N CYS C 312 12.32 12.27 -36.24
CA CYS C 312 11.44 11.17 -35.83
C CYS C 312 10.09 11.62 -35.28
N TRP C 313 10.08 12.59 -34.37
CA TRP C 313 8.81 13.01 -33.76
C TRP C 313 8.01 13.93 -34.69
N THR C 314 8.70 14.65 -35.56
CA THR C 314 8.00 15.40 -36.60
C THR C 314 7.19 14.44 -37.49
N TYR C 315 7.86 13.43 -38.04
CA TYR C 315 7.20 12.47 -38.93
C TYR C 315 6.08 11.69 -38.26
N GLU C 316 6.20 11.48 -36.96
CA GLU C 316 5.16 10.77 -36.20
C GLU C 316 3.97 11.68 -35.89
N THR C 317 4.25 12.97 -35.66
CA THR C 317 3.20 13.97 -35.63
C THR C 317 2.46 14.02 -36.97
N ALA C 318 3.21 13.87 -38.08
CA ALA C 318 2.62 13.79 -39.42
C ALA C 318 1.75 12.55 -39.57
N VAL C 319 2.29 11.41 -39.14
CA VAL C 319 1.59 10.13 -39.21
C VAL C 319 0.29 10.22 -38.42
N ALA C 320 0.35 10.87 -37.26
CA ALA C 320 -0.83 11.09 -36.44
C ALA C 320 -1.86 11.89 -37.23
N LEU C 321 -1.38 12.92 -37.93
CA LEU C 321 -2.24 13.82 -38.70
C LEU C 321 -2.75 13.19 -40.00
N ASP C 322 -2.14 12.08 -40.41
CA ASP C 322 -2.49 11.38 -41.65
C ASP C 322 -2.22 12.32 -42.82
N CYS C 323 -1.04 12.92 -42.81
CA CYS C 323 -0.69 14.00 -43.72
C CYS C 323 0.74 13.83 -44.22
N GLU C 324 0.88 13.28 -45.43
CA GLU C 324 2.18 13.09 -46.05
C GLU C 324 2.97 14.40 -46.18
N ILE C 325 4.27 14.34 -45.91
CA ILE C 325 5.13 15.53 -45.92
C ILE C 325 6.40 15.24 -46.73
N PRO C 326 7.00 16.29 -47.33
CA PRO C 326 8.16 16.04 -48.18
C PRO C 326 9.32 15.46 -47.40
N ASN C 327 10.17 14.72 -48.10
CA ASN C 327 11.42 14.19 -47.55
C ASN C 327 12.50 15.28 -47.50
N GLU C 328 12.26 16.33 -48.29
CA GLU C 328 13.12 17.49 -48.35
C GLU C 328 12.65 18.39 -47.21
N LEU C 329 13.58 18.72 -46.31
CA LEU C 329 13.27 19.54 -45.13
C LEU C 329 13.04 21.00 -45.50
N PRO C 330 11.97 21.61 -44.98
CA PRO C 330 11.81 23.07 -45.16
C PRO C 330 12.81 23.85 -44.28
N TYR C 331 13.06 25.11 -44.61
CA TYR C 331 13.96 25.92 -43.78
C TYR C 331 13.37 25.99 -42.37
N ASN C 332 14.28 25.98 -41.39
CA ASN C 332 13.92 26.10 -39.99
C ASN C 332 15.07 26.70 -39.20
N ASP C 333 14.81 27.06 -37.94
CA ASP C 333 15.80 27.70 -37.05
C ASP C 333 16.98 26.79 -36.71
N TYR C 334 16.93 25.54 -37.19
CA TYR C 334 17.92 24.52 -36.84
C TYR C 334 18.45 23.77 -38.07
N PHE C 335 18.34 24.41 -39.23
CA PHE C 335 18.68 23.81 -40.53
C PHE C 335 20.09 23.21 -40.61
N GLU C 336 21.07 23.91 -40.04
CA GLU C 336 22.46 23.44 -40.02
C GLU C 336 22.61 22.10 -39.31
N TYR C 337 21.80 21.90 -38.28
CA TYR C 337 21.80 20.69 -37.45
C TYR C 337 21.56 19.40 -38.24
N PHE C 338 20.92 19.51 -39.41
CA PHE C 338 20.52 18.35 -40.21
C PHE C 338 21.39 18.10 -41.45
N GLY C 339 22.70 18.30 -41.34
CA GLY C 339 23.62 18.07 -42.46
C GLY C 339 24.09 16.62 -42.50
N PRO C 340 24.52 16.14 -43.68
CA PRO C 340 24.82 16.99 -44.84
C PRO C 340 23.93 16.78 -46.08
N ASP C 341 22.87 15.98 -45.95
CA ASP C 341 21.92 15.76 -47.06
C ASP C 341 20.59 16.49 -46.84
N PHE C 342 20.39 16.97 -45.61
CA PHE C 342 19.24 17.81 -45.23
C PHE C 342 17.90 17.18 -45.57
N LYS C 343 17.81 15.86 -45.40
CA LYS C 343 16.57 15.13 -45.65
C LYS C 343 15.87 14.87 -44.32
N LEU C 344 14.63 14.37 -44.41
CA LEU C 344 13.84 13.96 -43.25
C LEU C 344 14.10 12.51 -42.77
N HIS C 345 14.18 11.57 -43.70
CA HIS C 345 14.37 10.18 -43.35
C HIS C 345 15.82 9.79 -43.34
N ILE C 346 16.16 8.74 -42.61
CA ILE C 346 17.56 8.35 -42.46
C ILE C 346 17.83 6.98 -43.04
N SER C 347 19.10 6.70 -43.32
CA SER C 347 19.51 5.37 -43.75
C SER C 347 20.00 4.55 -42.54
N PRO C 348 19.58 3.28 -42.45
CA PRO C 348 20.11 2.39 -41.42
C PRO C 348 21.60 2.23 -41.59
N SER C 349 22.28 1.86 -40.50
CA SER C 349 23.69 1.51 -40.56
C SER C 349 23.84 0.04 -41.02
N ASN C 350 25.01 -0.54 -40.80
CA ASN C 350 25.30 -1.92 -41.20
C ASN C 350 25.77 -2.77 -40.02
N MET C 351 25.24 -2.47 -38.83
CA MET C 351 25.49 -3.29 -37.65
C MET C 351 24.80 -4.65 -37.78
N THR C 352 25.41 -5.70 -37.23
CA THR C 352 24.78 -7.00 -37.21
C THR C 352 23.49 -6.91 -36.41
N ASN C 353 22.44 -7.57 -36.90
CA ASN C 353 21.25 -7.76 -36.11
C ASN C 353 21.42 -9.07 -35.38
N GLN C 354 21.74 -8.98 -34.08
CA GLN C 354 22.00 -10.19 -33.28
C GLN C 354 20.71 -10.92 -32.93
N ASN C 355 19.57 -10.31 -33.27
CA ASN C 355 18.26 -10.96 -33.16
C ASN C 355 18.00 -11.96 -34.29
N THR C 356 18.49 -13.19 -34.11
CA THR C 356 18.28 -14.26 -35.08
C THR C 356 16.79 -14.57 -35.25
N PRO C 357 16.40 -15.09 -36.44
CA PRO C 357 15.03 -15.53 -36.65
C PRO C 357 14.56 -16.53 -35.60
N GLU C 358 15.45 -17.41 -35.13
CA GLU C 358 15.07 -18.40 -34.13
C GLU C 358 14.73 -17.75 -32.78
N TYR C 359 15.58 -16.83 -32.34
CA TYR C 359 15.37 -16.12 -31.09
C TYR C 359 14.07 -15.31 -31.10
N MET C 360 13.74 -14.74 -32.24
CA MET C 360 12.57 -13.87 -32.37
C MET C 360 11.29 -14.68 -32.39
N GLU C 361 11.39 -15.92 -32.88
CA GLU C 361 10.24 -16.82 -33.00
C GLU C 361 9.84 -17.41 -31.64
N LYS C 362 10.82 -17.78 -30.82
CA LYS C 362 10.59 -18.29 -29.46
C LYS C 362 9.92 -17.27 -28.54
N ILE C 363 10.43 -16.04 -28.52
CA ILE C 363 9.85 -14.96 -27.71
C ILE C 363 8.42 -14.75 -28.14
N LYS C 364 8.24 -14.57 -29.45
CA LYS C 364 6.91 -14.33 -30.03
C LYS C 364 5.97 -15.48 -29.69
N GLN C 365 6.49 -16.69 -29.79
CA GLN C 365 5.77 -17.90 -29.39
C GLN C 365 5.36 -17.84 -27.90
N ARG C 366 6.27 -17.39 -27.04
CA ARG C 366 6.01 -17.34 -25.60
C ARG C 366 4.95 -16.29 -25.22
N LEU C 367 5.04 -15.10 -25.83
CA LEU C 367 4.09 -14.03 -25.54
C LEU C 367 2.65 -14.38 -25.96
N PHE C 368 2.50 -15.01 -27.12
CA PHE C 368 1.20 -15.50 -27.61
C PHE C 368 0.60 -16.53 -26.66
N GLU C 369 1.41 -17.50 -26.24
CA GLU C 369 1.00 -18.43 -25.20
C GLU C 369 0.40 -17.64 -24.02
N ASN C 370 1.16 -16.64 -23.53
CA ASN C 370 0.78 -15.85 -22.35
C ASN C 370 -0.47 -15.02 -22.58
N LEU C 371 -0.65 -14.56 -23.82
CA LEU C 371 -1.82 -13.77 -24.16
C LEU C 371 -3.08 -14.63 -24.29
N ARG C 372 -2.92 -15.91 -24.63
CA ARG C 372 -4.07 -16.83 -24.72
C ARG C 372 -4.65 -17.10 -23.34
N MET C 373 -3.87 -16.78 -22.30
CA MET C 373 -4.23 -16.98 -20.91
C MET C 373 -5.11 -15.87 -20.30
N LEU C 374 -5.63 -14.97 -21.13
CA LEU C 374 -6.36 -13.81 -20.60
C LEU C 374 -7.84 -14.02 -20.23
N PRO C 375 -8.73 -14.14 -21.24
CA PRO C 375 -10.13 -13.70 -21.18
C PRO C 375 -10.61 -13.16 -19.82
#